data_5RAE
#
_entry.id   5RAE
#
_cell.length_a   57.270
_cell.length_b   93.430
_cell.length_c   92.860
_cell.angle_alpha   90.000
_cell.angle_beta   107.550
_cell.angle_gamma   90.000
#
_symmetry.space_group_name_H-M   'P 1 21 1'
#
loop_
_entity.id
_entity.type
_entity.pdbx_description
1 polymer 'Lysine-specific demethylase 3B'
2 non-polymer '3-[4-(4-hydroxyphenyl)phenyl]propanoic acid'
3 non-polymer 'CHLORIDE ION'
4 non-polymer 'MANGANESE (II) ION'
5 water water
#
_entity_poly.entity_id   1
_entity_poly.type   'polypeptide(L)'
_entity_poly.pdbx_seq_one_letter_code
;MHHHHHHSSGVDLGTENLYFQSMTSHSWLCDGRLLCLHDPSNKNNWKIFRECWKQGQPVLVSGVHKKLKSELWKPEAFSQ
EFGDQDVDLVNCRNCAIISDVKVRDFWDGFEIICKRLRSEDGQPMVLKLKDWPPGEDFRDMMPTRFEDLMENLPLPEYTK
RDGRLNLASRLPSYFVRPDLGPKMYNAYGLITAEDRRVGTTNLHLDVSDAVNVMVYVGIPIGEGAHDEEVLKTIDEGDAD
EVTKERIHDHKEKPGALWHIYAAKDAEKIRELLRKVGEEQGQENPPDHDPIHDQSWYLDQTLRKRLYEEYGVQGWAIVQF
LGDAVFIPAGAPHQVHNLYSCIKVAEDFVSPEHVKHCFRLTQEFRHLSNTHT
;
_entity_poly.pdbx_strand_id   A,B
#
# COMPACT_ATOMS: atom_id res chain seq x y z
N SER A 22 34.86 -31.90 20.06
CA SER A 22 35.09 -32.05 18.58
C SER A 22 34.17 -31.10 17.79
N MET A 23 34.73 -30.42 16.78
N MET A 23 34.69 -30.42 16.77
CA MET A 23 33.99 -29.73 15.69
CA MET A 23 33.90 -29.59 15.82
C MET A 23 32.96 -30.71 15.11
C MET A 23 33.03 -30.52 14.96
N THR A 24 31.72 -30.25 14.91
CA THR A 24 30.69 -31.04 14.18
C THR A 24 29.97 -30.13 13.16
N SER A 25 29.44 -30.73 12.10
CA SER A 25 28.67 -30.07 11.03
C SER A 25 27.41 -29.38 11.63
N HIS A 26 26.72 -30.01 12.57
CA HIS A 26 25.43 -29.50 13.07
C HIS A 26 25.04 -30.17 14.39
N SER A 27 23.99 -29.65 15.00
CA SER A 27 23.33 -30.16 16.22
C SER A 27 21.83 -29.85 16.15
N TRP A 28 21.07 -30.28 17.15
CA TRP A 28 19.59 -30.06 17.16
C TRP A 28 19.24 -29.19 18.38
N LEU A 29 18.25 -28.34 18.22
CA LEU A 29 17.62 -27.63 19.35
C LEU A 29 16.11 -27.91 19.31
N CYS A 30 15.37 -27.26 20.19
CA CYS A 30 13.89 -27.46 20.30
C CYS A 30 13.53 -28.96 20.29
N ASP A 31 14.30 -29.79 21.02
CA ASP A 31 14.07 -31.27 21.13
C ASP A 31 14.10 -31.95 19.76
N GLY A 32 15.04 -31.61 18.88
CA GLY A 32 15.15 -32.24 17.55
C GLY A 32 14.41 -31.52 16.44
N ARG A 33 13.60 -30.50 16.77
CA ARG A 33 12.71 -29.85 15.77
C ARG A 33 13.44 -28.69 15.07
N LEU A 34 14.61 -28.26 15.54
CA LEU A 34 15.35 -27.12 14.91
C LEU A 34 16.78 -27.53 14.54
N LEU A 35 17.12 -27.48 13.25
CA LEU A 35 18.52 -27.62 12.77
C LEU A 35 19.38 -26.42 13.22
N CYS A 36 20.54 -26.71 13.80
N CYS A 36 20.57 -26.73 13.74
CA CYS A 36 21.60 -25.71 14.11
CA CYS A 36 21.62 -25.74 14.11
C CYS A 36 22.90 -26.08 13.36
C CYS A 36 22.92 -26.08 13.37
N LEU A 37 23.19 -25.37 12.28
CA LEU A 37 24.44 -25.53 11.50
C LEU A 37 25.58 -24.79 12.23
N HIS A 38 26.79 -25.37 12.27
CA HIS A 38 27.91 -24.82 13.11
C HIS A 38 28.90 -24.00 12.32
N ASP A 39 29.02 -24.22 11.03
CA ASP A 39 30.04 -23.59 10.16
C ASP A 39 29.31 -22.80 9.07
N PRO A 40 29.23 -21.45 9.19
CA PRO A 40 28.46 -20.62 8.27
C PRO A 40 28.94 -20.64 6.81
N SER A 41 30.19 -21.03 6.53
CA SER A 41 30.79 -20.92 5.18
C SER A 41 31.06 -22.31 4.58
N ASN A 42 30.55 -23.36 5.21
CA ASN A 42 30.72 -24.74 4.72
C ASN A 42 29.89 -24.96 3.46
N LYS A 43 30.52 -25.37 2.35
CA LYS A 43 29.90 -25.51 1.02
C LYS A 43 28.91 -26.70 1.01
N ASN A 44 28.89 -27.58 2.02
CA ASN A 44 27.98 -28.75 2.11
C ASN A 44 26.71 -28.45 2.94
N ASN A 45 26.56 -27.26 3.52
CA ASN A 45 25.40 -26.92 4.40
C ASN A 45 24.05 -27.18 3.68
N TRP A 46 23.95 -26.87 2.38
CA TRP A 46 22.68 -27.00 1.61
C TRP A 46 22.11 -28.44 1.73
N LYS A 47 22.96 -29.46 1.86
CA LYS A 47 22.54 -30.89 1.86
C LYS A 47 21.70 -31.23 3.10
N ILE A 48 22.04 -30.60 4.25
CA ILE A 48 21.36 -30.74 5.57
C ILE A 48 20.17 -29.75 5.60
N PHE A 49 20.40 -28.53 5.13
CA PHE A 49 19.42 -27.41 5.20
C PHE A 49 18.14 -27.67 4.42
N ARG A 50 18.28 -28.20 3.20
N ARG A 50 18.25 -28.18 3.21
CA ARG A 50 17.20 -28.22 2.19
CA ARG A 50 17.13 -28.16 2.23
C ARG A 50 16.03 -29.09 2.64
C ARG A 50 16.00 -29.10 2.66
N GLU A 51 16.29 -30.22 3.30
CA GLU A 51 15.21 -31.11 3.82
C GLU A 51 14.37 -30.43 4.94
N CYS A 52 15.01 -29.81 5.94
CA CYS A 52 14.32 -29.06 7.01
C CYS A 52 13.52 -27.90 6.39
N TRP A 53 14.11 -27.17 5.47
CA TRP A 53 13.51 -25.97 4.84
C TRP A 53 12.26 -26.38 4.02
N LYS A 54 12.33 -27.48 3.27
CA LYS A 54 11.17 -27.94 2.45
C LYS A 54 10.01 -28.27 3.39
N GLN A 55 10.26 -28.69 4.64
CA GLN A 55 9.19 -29.04 5.61
C GLN A 55 8.63 -27.78 6.31
N GLY A 56 9.09 -26.59 5.96
CA GLY A 56 8.53 -25.36 6.58
C GLY A 56 9.11 -25.03 7.94
N GLN A 57 10.24 -25.61 8.31
CA GLN A 57 10.91 -25.31 9.61
C GLN A 57 11.81 -24.09 9.47
N PRO A 58 12.00 -23.31 10.55
CA PRO A 58 13.10 -22.35 10.61
C PRO A 58 14.41 -23.13 10.84
N VAL A 59 15.53 -22.45 10.63
CA VAL A 59 16.91 -22.99 10.79
C VAL A 59 17.77 -21.93 11.47
N LEU A 60 18.70 -22.37 12.32
CA LEU A 60 19.69 -21.50 12.99
C LEU A 60 21.09 -21.82 12.45
N VAL A 61 21.91 -20.79 12.14
CA VAL A 61 23.34 -21.00 11.80
C VAL A 61 24.25 -20.23 12.81
N SER A 62 25.01 -20.77 13.94
CA SER A 62 26.06 -19.51 14.28
C SER A 62 27.26 -19.28 13.48
N GLY A 63 28.05 -18.57 14.34
CA GLY A 63 29.45 -18.27 14.12
C GLY A 63 29.59 -17.22 13.06
N VAL A 64 28.53 -16.54 12.63
CA VAL A 64 28.63 -15.50 11.55
C VAL A 64 29.45 -14.29 12.07
N HIS A 65 29.44 -14.00 13.37
CA HIS A 65 30.23 -12.88 13.97
C HIS A 65 31.74 -13.04 13.74
N LYS A 66 32.24 -14.28 13.70
CA LYS A 66 33.68 -14.57 13.49
C LYS A 66 34.09 -14.26 12.03
N LYS A 67 33.15 -14.10 11.10
CA LYS A 67 33.46 -13.80 9.68
C LYS A 67 33.44 -12.28 9.41
N LEU A 68 32.93 -11.48 10.35
CA LEU A 68 32.62 -10.04 10.09
C LEU A 68 33.79 -9.18 10.59
N LYS A 69 33.93 -7.97 10.07
CA LYS A 69 34.92 -6.96 10.59
C LYS A 69 34.24 -6.27 11.79
N SER A 70 34.58 -6.73 12.99
CA SER A 70 33.84 -6.40 14.23
C SER A 70 33.80 -4.87 14.51
N GLU A 71 34.76 -4.08 14.01
CA GLU A 71 34.83 -2.61 14.23
C GLU A 71 33.70 -1.88 13.47
N LEU A 72 33.15 -2.48 12.41
CA LEU A 72 32.07 -1.88 11.59
C LEU A 72 30.71 -1.94 12.29
N TRP A 73 30.53 -2.77 13.34
CA TRP A 73 29.19 -3.10 13.91
C TRP A 73 29.09 -2.67 15.39
N LYS A 74 29.83 -1.66 15.81
CA LYS A 74 29.81 -1.15 17.21
C LYS A 74 28.84 0.03 17.31
N PRO A 75 28.04 0.15 18.37
CA PRO A 75 27.17 1.32 18.55
C PRO A 75 27.89 2.68 18.52
N GLU A 76 29.07 2.78 19.13
CA GLU A 76 29.90 4.03 19.17
C GLU A 76 30.24 4.50 17.73
N ALA A 77 30.54 3.59 16.79
CA ALA A 77 30.83 3.96 15.40
C ALA A 77 29.57 4.50 14.70
N PHE A 78 28.40 3.88 14.90
CA PHE A 78 27.16 4.39 14.28
C PHE A 78 26.86 5.79 14.82
N SER A 79 27.08 6.06 16.09
CA SER A 79 26.88 7.42 16.68
C SER A 79 27.79 8.46 16.03
N GLN A 80 29.09 8.16 15.95
CA GLN A 80 30.16 9.07 15.44
C GLN A 80 29.89 9.40 13.98
N GLU A 81 29.47 8.42 13.18
CA GLU A 81 29.39 8.53 11.71
C GLU A 81 28.04 9.11 11.30
N PHE A 82 26.94 8.87 12.04
CA PHE A 82 25.57 9.18 11.54
C PHE A 82 24.76 9.96 12.56
N GLY A 83 25.39 10.36 13.67
CA GLY A 83 24.71 10.89 14.88
C GLY A 83 23.77 12.05 14.64
N ASP A 84 24.00 12.86 13.59
CA ASP A 84 23.24 14.12 13.34
C ASP A 84 21.97 13.87 12.51
N GLN A 85 21.69 12.65 12.04
CA GLN A 85 20.44 12.36 11.28
C GLN A 85 19.23 12.42 12.21
N ASP A 86 18.08 12.89 11.71
CA ASP A 86 16.78 12.96 12.43
C ASP A 86 16.01 11.63 12.28
N VAL A 87 15.37 11.14 13.35
CA VAL A 87 14.72 9.79 13.39
C VAL A 87 13.55 9.89 14.35
N ASP A 88 12.66 8.90 14.29
CA ASP A 88 11.68 8.65 15.35
C ASP A 88 12.11 7.39 16.10
N LEU A 89 11.73 7.31 17.37
CA LEU A 89 11.92 6.12 18.24
C LEU A 89 10.55 5.65 18.69
N VAL A 90 10.45 4.41 19.14
CA VAL A 90 9.22 3.86 19.82
C VAL A 90 9.56 3.50 21.27
N ASN A 91 8.70 3.87 22.23
CA ASN A 91 8.77 3.38 23.62
C ASN A 91 8.15 1.97 23.63
N CYS A 92 8.95 0.92 23.82
CA CYS A 92 8.48 -0.50 23.71
C CYS A 92 7.45 -0.86 24.80
N ARG A 93 7.43 -0.16 25.92
CA ARG A 93 6.54 -0.47 27.08
C ARG A 93 5.09 -0.04 26.79
N ASN A 94 4.86 1.02 26.00
CA ASN A 94 3.49 1.57 25.80
C ASN A 94 3.22 1.97 24.34
N CYS A 95 4.13 1.68 23.41
CA CYS A 95 4.06 2.00 21.95
C CYS A 95 4.04 3.50 21.60
N ALA A 96 4.31 4.43 22.53
CA ALA A 96 4.39 5.89 22.24
C ALA A 96 5.53 6.16 21.24
N ILE A 97 5.29 7.06 20.29
CA ILE A 97 6.32 7.51 19.32
C ILE A 97 7.02 8.76 19.87
N ILE A 98 8.35 8.75 19.89
CA ILE A 98 9.21 9.94 20.19
C ILE A 98 9.68 10.47 18.84
N SER A 99 9.12 11.61 18.41
CA SER A 99 9.28 12.20 17.05
C SER A 99 10.53 13.09 16.95
N ASP A 100 11.25 12.97 15.84
CA ASP A 100 12.16 13.99 15.33
C ASP A 100 13.22 14.25 16.40
N VAL A 101 13.98 13.21 16.77
CA VAL A 101 15.19 13.38 17.60
C VAL A 101 16.41 12.95 16.77
N LYS A 102 17.59 13.23 17.29
CA LYS A 102 18.90 12.89 16.71
C LYS A 102 19.19 11.42 16.98
N VAL A 103 19.70 10.73 15.98
CA VAL A 103 19.99 9.27 16.13
C VAL A 103 21.03 9.07 17.25
N ARG A 104 21.94 10.01 17.51
CA ARG A 104 22.87 9.89 18.66
C ARG A 104 22.12 9.76 19.99
N ASP A 105 20.91 10.33 20.14
CA ASP A 105 20.12 10.25 21.40
C ASP A 105 19.75 8.78 21.70
N PHE A 106 19.57 7.96 20.65
CA PHE A 106 19.37 6.48 20.74
C PHE A 106 20.71 5.80 21.01
N TRP A 107 21.74 5.98 20.16
CA TRP A 107 22.99 5.17 20.23
C TRP A 107 23.76 5.40 21.56
N ASP A 108 23.72 6.61 22.12
CA ASP A 108 24.59 6.95 23.29
C ASP A 108 24.01 6.29 24.57
N GLY A 109 22.72 5.92 24.59
CA GLY A 109 22.14 5.13 25.70
C GLY A 109 22.10 3.62 25.42
N PHE A 110 22.69 3.12 24.34
CA PHE A 110 22.57 1.70 23.89
C PHE A 110 22.99 0.76 25.02
N GLU A 111 24.11 1.04 25.66
CA GLU A 111 24.75 0.18 26.71
C GLU A 111 24.95 0.93 28.03
N ILE A 112 24.80 2.26 28.10
CA ILE A 112 24.97 3.04 29.36
C ILE A 112 23.59 3.57 29.76
N ILE A 113 23.03 2.99 30.81
CA ILE A 113 21.61 3.20 31.18
C ILE A 113 21.38 4.65 31.63
N CYS A 114 22.35 5.28 32.33
CA CYS A 114 22.26 6.66 32.86
C CYS A 114 22.25 7.68 31.69
N LYS A 115 22.52 7.28 30.44
CA LYS A 115 22.41 8.22 29.29
C LYS A 115 21.06 8.10 28.54
N ARG A 116 20.16 7.20 28.93
CA ARG A 116 18.91 6.97 28.17
C ARG A 116 17.89 8.07 28.44
N LEU A 117 17.13 8.46 27.41
CA LEU A 117 15.92 9.31 27.55
C LEU A 117 15.01 8.68 28.60
N ARG A 118 14.36 9.52 29.41
CA ARG A 118 13.54 9.10 30.58
C ARG A 118 12.08 9.40 30.27
N SER A 119 11.15 8.51 30.68
CA SER A 119 9.69 8.75 30.61
C SER A 119 9.26 9.68 31.78
N GLU A 120 8.01 10.13 31.80
CA GLU A 120 7.48 11.07 32.84
C GLU A 120 7.67 10.48 34.25
N ASP A 121 7.65 9.16 34.42
CA ASP A 121 7.81 8.51 35.74
C ASP A 121 9.27 8.60 36.21
N GLY A 122 10.17 9.17 35.41
CA GLY A 122 11.62 9.27 35.68
C GLY A 122 12.39 7.97 35.45
N GLN A 123 11.79 6.95 34.82
CA GLN A 123 12.54 5.67 34.55
C GLN A 123 13.26 5.81 33.20
N PRO A 124 14.41 5.18 33.01
CA PRO A 124 15.01 5.14 31.67
C PRO A 124 14.15 4.26 30.74
N MET A 125 13.88 4.74 29.52
CA MET A 125 12.96 4.07 28.58
C MET A 125 13.67 2.89 27.87
N VAL A 126 12.90 1.86 27.52
CA VAL A 126 13.33 0.78 26.58
C VAL A 126 12.91 1.24 25.20
N LEU A 127 13.87 1.55 24.33
CA LEU A 127 13.59 2.21 23.02
C LEU A 127 13.98 1.30 21.87
N LYS A 128 13.22 1.42 20.81
CA LYS A 128 13.49 0.86 19.48
C LYS A 128 13.69 2.02 18.53
N LEU A 129 14.75 1.97 17.72
CA LEU A 129 14.98 2.89 16.61
C LEU A 129 14.16 2.44 15.39
N LYS A 130 13.21 3.27 14.96
CA LYS A 130 12.25 3.01 13.85
C LYS A 130 12.89 3.31 12.49
N ASP A 131 12.79 2.38 11.53
CA ASP A 131 13.07 2.58 10.08
C ASP A 131 14.43 3.28 9.87
N TRP A 132 15.54 2.68 10.28
CA TRP A 132 16.90 3.30 10.17
C TRP A 132 17.94 2.22 9.91
N PRO A 133 18.77 2.35 8.86
CA PRO A 133 18.55 3.35 7.80
C PRO A 133 17.20 3.22 7.10
N PRO A 134 16.62 4.34 6.61
CA PRO A 134 15.26 4.36 6.11
C PRO A 134 15.06 3.69 4.73
N GLY A 135 13.89 3.09 4.54
CA GLY A 135 13.48 2.39 3.29
C GLY A 135 14.56 1.43 2.83
N GLU A 136 15.09 1.64 1.62
CA GLU A 136 16.09 0.77 0.97
C GLU A 136 17.46 1.44 0.98
N ASP A 137 17.70 2.44 1.85
CA ASP A 137 18.91 3.29 1.78
C ASP A 137 20.15 2.62 2.40
N PHE A 138 20.08 1.36 2.88
CA PHE A 138 21.22 0.79 3.65
C PHE A 138 22.49 0.82 2.81
N ARG A 139 22.40 0.34 1.56
CA ARG A 139 23.59 0.19 0.68
C ARG A 139 24.22 1.55 0.39
N ASP A 140 23.39 2.55 0.09
CA ASP A 140 23.85 3.94 -0.23
C ASP A 140 24.53 4.54 1.01
N MET A 141 23.89 4.48 2.18
CA MET A 141 24.43 5.12 3.43
C MET A 141 25.67 4.35 3.93
N MET A 142 25.69 3.03 3.80
CA MET A 142 26.71 2.17 4.47
C MET A 142 27.33 1.14 3.53
N PRO A 143 28.05 1.55 2.45
CA PRO A 143 28.55 0.60 1.45
C PRO A 143 29.55 -0.45 1.95
N THR A 144 30.42 -0.12 2.91
CA THR A 144 31.40 -1.08 3.48
C THR A 144 30.67 -2.12 4.36
N ARG A 145 29.63 -1.73 5.11
CA ARG A 145 28.83 -2.63 5.98
C ARG A 145 28.04 -3.58 5.08
N PHE A 146 27.42 -3.04 4.04
CA PHE A 146 26.70 -3.84 3.03
C PHE A 146 27.61 -4.98 2.51
N GLU A 147 28.80 -4.64 2.03
CA GLU A 147 29.77 -5.63 1.47
C GLU A 147 30.11 -6.70 2.53
N ASP A 148 30.37 -6.28 3.77
CA ASP A 148 30.85 -7.17 4.87
C ASP A 148 29.76 -8.21 5.19
N LEU A 149 28.51 -7.75 5.26
CA LEU A 149 27.34 -8.61 5.53
C LEU A 149 27.09 -9.53 4.32
N MET A 150 26.79 -8.98 3.14
CA MET A 150 26.38 -9.78 1.95
C MET A 150 27.40 -10.85 1.61
N GLU A 151 28.69 -10.60 1.80
CA GLU A 151 29.77 -11.57 1.48
C GLU A 151 29.81 -12.69 2.52
N ASN A 152 29.18 -12.55 3.69
CA ASN A 152 29.33 -13.55 4.77
C ASN A 152 27.97 -14.16 5.14
N LEU A 153 26.91 -13.92 4.38
CA LEU A 153 25.60 -14.59 4.61
C LEU A 153 25.78 -16.09 4.38
N PRO A 154 25.27 -16.94 5.30
CA PRO A 154 25.24 -18.39 5.07
C PRO A 154 24.23 -18.75 4.00
N LEU A 155 24.32 -19.99 3.48
CA LEU A 155 23.44 -20.55 2.41
C LEU A 155 23.37 -19.53 1.26
N PRO A 156 24.53 -19.14 0.69
CA PRO A 156 24.57 -18.03 -0.28
C PRO A 156 23.76 -18.26 -1.56
N GLU A 157 23.53 -19.53 -1.98
CA GLU A 157 22.72 -19.78 -3.22
C GLU A 157 21.28 -19.33 -2.99
N TYR A 158 20.79 -19.38 -1.74
CA TYR A 158 19.48 -18.89 -1.32
C TYR A 158 19.51 -17.39 -1.02
N THR A 159 20.53 -16.89 -0.32
CA THR A 159 20.44 -15.57 0.36
C THR A 159 21.07 -14.41 -0.44
N LYS A 160 21.96 -14.65 -1.36
CA LYS A 160 22.55 -13.52 -2.16
C LYS A 160 21.53 -13.02 -3.19
N ARG A 161 21.60 -11.73 -3.55
CA ARG A 161 20.62 -11.05 -4.45
C ARG A 161 20.48 -11.85 -5.75
N ASP A 162 21.56 -12.44 -6.23
CA ASP A 162 21.65 -13.18 -7.52
C ASP A 162 21.96 -14.67 -7.29
N GLY A 163 21.81 -15.20 -6.07
CA GLY A 163 21.96 -16.64 -5.81
C GLY A 163 21.09 -17.44 -6.76
N ARG A 164 21.55 -18.61 -7.20
CA ARG A 164 20.81 -19.49 -8.15
C ARG A 164 19.46 -19.97 -7.56
N LEU A 165 19.28 -20.02 -6.23
CA LEU A 165 18.02 -20.51 -5.62
C LEU A 165 17.29 -19.34 -4.97
N ASN A 166 17.59 -18.11 -5.38
CA ASN A 166 16.82 -16.90 -4.97
C ASN A 166 16.05 -16.42 -6.20
N LEU A 167 14.74 -16.61 -6.22
CA LEU A 167 13.90 -16.18 -7.38
C LEU A 167 13.51 -14.68 -7.33
N ALA A 168 13.97 -13.89 -6.35
CA ALA A 168 13.50 -12.50 -6.16
C ALA A 168 13.57 -11.75 -7.50
N SER A 169 14.71 -11.84 -8.19
CA SER A 169 15.00 -11.02 -9.41
C SER A 169 14.48 -11.72 -10.67
N ARG A 170 13.79 -12.84 -10.53
CA ARG A 170 13.48 -13.75 -11.67
C ARG A 170 11.96 -13.86 -11.87
N LEU A 171 11.15 -13.23 -11.01
CA LEU A 171 9.70 -13.50 -10.94
C LEU A 171 8.91 -12.40 -11.66
N PRO A 172 7.79 -12.74 -12.33
CA PRO A 172 6.89 -11.70 -12.85
C PRO A 172 6.01 -11.10 -11.76
N SER A 173 5.21 -10.11 -12.17
CA SER A 173 4.43 -9.20 -11.30
C SER A 173 3.29 -9.95 -10.62
N TYR A 174 3.02 -11.16 -11.09
CA TYR A 174 2.05 -12.07 -10.44
C TYR A 174 2.53 -12.50 -9.02
N PHE A 175 3.76 -12.16 -8.64
CA PHE A 175 4.38 -12.46 -7.31
C PHE A 175 4.75 -11.16 -6.62
N VAL A 176 4.50 -11.06 -5.31
CA VAL A 176 4.98 -9.91 -4.49
C VAL A 176 6.48 -10.08 -4.34
N ARG A 177 7.29 -9.15 -4.86
CA ARG A 177 8.76 -9.19 -4.75
C ARG A 177 9.19 -8.46 -3.48
N PRO A 178 10.26 -8.89 -2.78
CA PRO A 178 10.74 -8.16 -1.61
C PRO A 178 11.48 -6.87 -1.99
N ASP A 179 11.54 -5.91 -1.05
CA ASP A 179 12.34 -4.67 -1.18
C ASP A 179 13.81 -5.09 -1.31
N LEU A 180 14.63 -4.21 -1.90
CA LEU A 180 16.11 -4.28 -1.80
C LEU A 180 16.50 -4.05 -0.34
N GLY A 181 17.20 -5.03 0.24
CA GLY A 181 17.67 -4.99 1.64
C GLY A 181 19.14 -4.65 1.61
N PRO A 182 19.89 -4.95 2.67
CA PRO A 182 19.31 -5.38 3.92
C PRO A 182 18.60 -4.25 4.70
N LYS A 183 17.92 -4.62 5.80
CA LYS A 183 17.29 -3.71 6.78
C LYS A 183 17.91 -3.97 8.16
N MET A 184 18.08 -2.92 8.92
CA MET A 184 18.78 -2.97 10.20
C MET A 184 17.72 -2.80 11.28
N TYR A 185 17.81 -3.57 12.38
CA TYR A 185 16.84 -3.58 13.50
C TYR A 185 17.59 -3.35 14.83
N ASN A 186 17.34 -2.21 15.44
CA ASN A 186 18.16 -1.69 16.55
C ASN A 186 17.20 -1.41 17.71
N ALA A 187 17.41 -2.03 18.87
CA ALA A 187 16.54 -1.78 20.05
C ALA A 187 17.22 -2.18 21.35
N TYR A 188 16.84 -1.51 22.45
CA TYR A 188 17.34 -1.81 23.82
C TYR A 188 16.75 -3.16 24.29
N GLY A 189 17.33 -3.76 25.34
CA GLY A 189 16.79 -4.98 25.93
C GLY A 189 15.68 -4.63 26.91
N LEU A 190 14.68 -5.50 26.99
CA LEU A 190 13.59 -5.42 27.99
C LEU A 190 14.14 -5.89 29.34
N ILE A 191 13.69 -5.27 30.43
CA ILE A 191 14.43 -5.30 31.73
C ILE A 191 13.62 -6.03 32.81
N THR A 192 12.40 -5.56 33.11
CA THR A 192 11.64 -5.87 34.33
C THR A 192 10.76 -7.10 34.15
N ALA A 193 10.15 -7.56 35.25
CA ALA A 193 9.16 -8.67 35.27
C ALA A 193 7.93 -8.28 34.45
N GLU A 194 7.51 -7.02 34.53
CA GLU A 194 6.42 -6.47 33.68
C GLU A 194 6.86 -6.45 32.20
N ASP A 195 8.13 -6.23 31.92
CA ASP A 195 8.62 -6.19 30.52
C ASP A 195 8.48 -7.59 29.87
N ARG A 196 8.31 -8.66 30.65
CA ARG A 196 8.28 -10.06 30.14
C ARG A 196 7.10 -10.26 29.17
N ARG A 197 6.04 -9.46 29.28
CA ARG A 197 4.76 -9.59 28.54
C ARG A 197 4.76 -8.72 27.25
N VAL A 198 5.84 -8.01 26.94
CA VAL A 198 5.89 -7.03 25.83
C VAL A 198 6.87 -7.53 24.76
N GLY A 199 6.66 -7.13 23.50
CA GLY A 199 7.59 -7.46 22.39
C GLY A 199 8.48 -6.29 22.01
N THR A 200 9.67 -6.60 21.49
CA THR A 200 10.50 -5.66 20.71
C THR A 200 9.83 -5.52 19.34
N THR A 201 9.50 -6.66 18.70
CA THR A 201 8.69 -6.71 17.47
C THR A 201 7.51 -7.64 17.70
N ASN A 202 6.30 -7.12 17.46
CA ASN A 202 5.03 -7.87 17.68
C ASN A 202 4.87 -9.00 16.65
N LEU A 203 3.96 -9.92 16.93
CA LEU A 203 3.61 -11.06 16.03
C LEU A 203 3.17 -10.53 14.66
N HIS A 204 3.82 -10.98 13.60
CA HIS A 204 3.47 -10.62 12.20
C HIS A 204 4.01 -11.72 11.28
N LEU A 205 3.75 -11.63 9.97
CA LEU A 205 4.33 -12.57 8.98
C LEU A 205 4.79 -11.78 7.77
N ASP A 206 5.71 -12.35 7.02
CA ASP A 206 6.29 -11.80 5.77
C ASP A 206 6.01 -12.80 4.64
N VAL A 207 5.76 -12.31 3.44
CA VAL A 207 5.41 -13.18 2.28
C VAL A 207 6.69 -13.70 1.61
N SER A 208 7.83 -13.09 1.93
N SER A 208 7.83 -13.09 1.92
CA SER A 208 9.18 -13.56 1.49
CA SER A 208 9.17 -13.56 1.50
C SER A 208 9.88 -14.30 2.64
C SER A 208 9.83 -14.35 2.64
N ASP A 209 10.86 -15.14 2.30
CA ASP A 209 11.77 -15.78 3.28
C ASP A 209 12.71 -14.66 3.78
N ALA A 210 13.33 -14.84 4.94
CA ALA A 210 14.31 -13.88 5.49
C ALA A 210 15.39 -14.64 6.25
N VAL A 211 16.60 -14.07 6.26
CA VAL A 211 17.71 -14.43 7.18
C VAL A 211 18.02 -13.20 8.06
N ASN A 212 18.01 -13.37 9.39
CA ASN A 212 18.26 -12.28 10.38
C ASN A 212 19.55 -12.63 11.14
N VAL A 213 20.58 -11.78 11.03
CA VAL A 213 21.89 -11.98 11.72
C VAL A 213 22.02 -11.01 12.90
N MET A 214 22.33 -11.57 14.09
CA MET A 214 22.76 -10.81 15.31
C MET A 214 24.24 -10.39 15.17
N VAL A 215 24.51 -9.11 14.87
CA VAL A 215 25.89 -8.61 14.58
C VAL A 215 26.48 -7.98 15.85
N TYR A 216 25.68 -7.63 16.85
CA TYR A 216 26.22 -6.99 18.08
C TYR A 216 25.21 -7.15 19.20
N VAL A 217 25.68 -7.53 20.39
CA VAL A 217 24.85 -7.58 21.63
C VAL A 217 25.51 -6.67 22.69
N GLY A 218 24.76 -5.70 23.21
CA GLY A 218 25.25 -4.76 24.24
C GLY A 218 24.72 -5.17 25.60
N ILE A 219 25.60 -5.54 26.51
CA ILE A 219 25.21 -5.90 27.90
C ILE A 219 25.50 -4.69 28.79
N PRO A 220 24.47 -3.99 29.29
CA PRO A 220 24.67 -2.72 29.98
C PRO A 220 25.30 -2.79 31.39
N ILE A 221 25.39 -1.57 31.97
CA ILE A 221 26.13 -1.15 33.20
C ILE A 221 25.38 0.05 33.83
N GLY A 222 25.58 0.26 35.15
CA GLY A 222 24.82 1.20 36.01
C GLY A 222 23.71 0.43 36.73
N GLU A 223 22.72 0.01 35.93
CA GLU A 223 21.74 -1.06 36.25
C GLU A 223 22.27 -2.36 35.64
N GLY A 224 23.58 -2.60 35.80
CA GLY A 224 24.33 -3.75 35.26
C GLY A 224 24.58 -4.78 36.34
N ALA A 225 23.52 -5.49 36.72
CA ALA A 225 23.49 -6.63 37.68
C ALA A 225 22.23 -7.45 37.39
N HIS A 226 21.89 -7.54 36.09
CA HIS A 226 20.57 -7.96 35.54
C HIS A 226 20.68 -9.44 35.13
N ASP A 227 21.12 -10.27 36.08
CA ASP A 227 21.51 -11.70 35.89
C ASP A 227 20.23 -12.54 35.80
N GLU A 228 19.37 -12.42 36.82
CA GLU A 228 18.32 -13.42 37.16
C GLU A 228 17.11 -13.25 36.25
N GLU A 229 16.73 -12.01 35.90
CA GLU A 229 15.44 -11.79 35.17
C GLU A 229 15.58 -12.24 33.70
N VAL A 230 16.76 -12.13 33.09
CA VAL A 230 17.08 -12.70 31.74
C VAL A 230 16.89 -14.23 31.79
N LEU A 231 17.38 -14.90 32.83
CA LEU A 231 17.23 -16.39 33.01
C LEU A 231 15.76 -16.80 33.15
N LYS A 232 14.99 -16.06 33.94
N LYS A 232 15.00 -16.07 33.96
CA LYS A 232 13.54 -16.31 34.17
CA LYS A 232 13.54 -16.31 34.17
C LYS A 232 12.75 -16.07 32.87
C LYS A 232 12.79 -16.11 32.85
N THR A 233 13.13 -15.08 32.07
CA THR A 233 12.47 -14.76 30.76
C THR A 233 12.63 -15.93 29.77
N ILE A 234 13.83 -16.50 29.68
CA ILE A 234 14.22 -17.63 28.78
C ILE A 234 13.47 -18.90 29.22
N ASP A 235 13.38 -19.10 30.53
CA ASP A 235 12.76 -20.31 31.14
C ASP A 235 11.24 -20.29 30.88
N GLU A 236 10.59 -19.20 31.27
CA GLU A 236 9.16 -18.91 31.04
C GLU A 236 8.89 -18.81 29.52
N GLY A 237 9.88 -18.42 28.73
CA GLY A 237 9.81 -18.37 27.26
C GLY A 237 9.71 -19.75 26.61
N ASP A 238 9.94 -20.85 27.38
CA ASP A 238 9.78 -22.28 26.99
C ASP A 238 11.04 -22.78 26.28
N ALA A 239 12.19 -22.15 26.54
CA ALA A 239 13.48 -22.51 25.92
C ALA A 239 13.80 -23.95 26.30
N ASP A 240 14.30 -24.74 25.34
CA ASP A 240 14.54 -26.20 25.52
C ASP A 240 15.77 -26.39 26.40
N GLU A 241 15.99 -27.63 26.87
CA GLU A 241 17.03 -27.96 27.88
C GLU A 241 18.42 -27.68 27.31
N VAL A 242 18.65 -27.92 26.01
CA VAL A 242 19.98 -27.70 25.35
C VAL A 242 20.25 -26.19 25.23
N THR A 243 19.24 -25.40 24.87
CA THR A 243 19.30 -23.91 24.86
C THR A 243 19.70 -23.42 26.26
N LYS A 244 19.09 -23.98 27.31
CA LYS A 244 19.34 -23.61 28.73
C LYS A 244 20.79 -23.94 29.11
N GLU A 245 21.36 -25.02 28.58
CA GLU A 245 22.80 -25.39 28.76
C GLU A 245 23.70 -24.32 28.11
N ARG A 246 23.32 -23.79 26.93
CA ARG A 246 24.11 -22.75 26.20
C ARG A 246 24.09 -21.45 27.03
N ILE A 247 23.01 -21.19 27.79
CA ILE A 247 22.87 -20.01 28.70
C ILE A 247 23.76 -20.19 29.95
N HIS A 248 23.65 -21.33 30.64
CA HIS A 248 24.42 -21.67 31.87
C HIS A 248 25.92 -21.59 31.57
N ASP A 249 26.35 -22.14 30.44
CA ASP A 249 27.70 -21.93 29.84
C ASP A 249 27.83 -20.45 29.45
N HIS A 250 28.72 -19.71 30.12
CA HIS A 250 28.83 -18.23 30.04
C HIS A 250 29.81 -17.82 28.93
N LYS A 251 29.81 -18.53 27.80
CA LYS A 251 30.80 -18.33 26.71
C LYS A 251 30.21 -17.46 25.59
N GLU A 252 28.89 -17.37 25.46
CA GLU A 252 28.20 -16.66 24.33
C GLU A 252 27.12 -15.71 24.88
N LYS A 253 27.02 -14.51 24.29
CA LYS A 253 26.07 -13.43 24.70
C LYS A 253 24.70 -13.70 24.07
N PRO A 254 23.62 -13.86 24.87
CA PRO A 254 22.27 -14.03 24.32
C PRO A 254 21.65 -12.65 23.99
N GLY A 255 21.08 -12.50 22.79
CA GLY A 255 20.52 -11.23 22.29
C GLY A 255 19.02 -11.16 22.45
N ALA A 256 18.29 -12.11 21.83
CA ALA A 256 16.81 -11.99 21.71
C ALA A 256 16.14 -13.37 21.76
N LEU A 257 14.94 -13.37 22.36
CA LEU A 257 14.02 -14.55 22.40
C LEU A 257 12.98 -14.38 21.29
N TRP A 258 12.96 -15.33 20.37
CA TRP A 258 11.98 -15.45 19.26
C TRP A 258 10.95 -16.54 19.60
N HIS A 259 9.70 -16.35 19.19
CA HIS A 259 8.71 -17.43 18.96
C HIS A 259 8.33 -17.42 17.48
N ILE A 260 8.50 -18.56 16.80
CA ILE A 260 8.11 -18.73 15.38
C ILE A 260 7.09 -19.90 15.30
N TYR A 261 6.09 -19.74 14.42
CA TYR A 261 5.00 -20.73 14.19
C TYR A 261 4.99 -21.10 12.70
N ALA A 262 4.69 -22.35 12.40
CA ALA A 262 4.53 -22.85 11.01
C ALA A 262 3.52 -22.00 10.23
N ALA A 263 3.81 -21.69 8.95
CA ALA A 263 2.88 -20.99 8.04
C ALA A 263 1.49 -21.66 8.05
N LYS A 264 1.43 -23.00 8.13
CA LYS A 264 0.12 -23.72 8.07
C LYS A 264 -0.74 -23.41 9.31
N ASP A 265 -0.17 -22.88 10.41
CA ASP A 265 -0.90 -22.63 11.68
C ASP A 265 -1.38 -21.16 11.77
N ALA A 266 -1.14 -20.32 10.77
CA ALA A 266 -1.46 -18.86 10.79
C ALA A 266 -2.95 -18.60 11.08
N GLU A 267 -3.87 -19.36 10.46
CA GLU A 267 -5.33 -19.09 10.62
C GLU A 267 -5.75 -19.47 12.04
N LYS A 268 -5.22 -20.54 12.62
CA LYS A 268 -5.57 -20.91 14.02
C LYS A 268 -5.13 -19.79 14.97
N ILE A 269 -3.95 -19.22 14.76
CA ILE A 269 -3.49 -18.07 15.60
C ILE A 269 -4.48 -16.92 15.38
N ARG A 270 -4.92 -16.67 14.15
CA ARG A 270 -5.91 -15.56 13.93
C ARG A 270 -7.20 -15.85 14.73
N GLU A 271 -7.70 -17.08 14.73
CA GLU A 271 -8.92 -17.46 15.52
C GLU A 271 -8.69 -17.15 17.00
N LEU A 272 -7.59 -17.61 17.60
CA LEU A 272 -7.28 -17.30 19.02
C LEU A 272 -7.36 -15.77 19.25
N LEU A 273 -6.70 -15.00 18.41
CA LEU A 273 -6.55 -13.54 18.68
C LEU A 273 -7.89 -12.81 18.49
N ARG A 274 -8.75 -13.27 17.57
CA ARG A 274 -10.12 -12.70 17.43
C ARG A 274 -10.89 -12.96 18.73
N LYS A 275 -10.80 -14.17 19.28
CA LYS A 275 -11.53 -14.54 20.52
C LYS A 275 -10.99 -13.71 21.69
N VAL A 276 -9.67 -13.57 21.83
CA VAL A 276 -9.10 -12.76 22.95
C VAL A 276 -9.46 -11.28 22.76
N GLY A 277 -9.35 -10.71 21.55
CA GLY A 277 -9.78 -9.33 21.28
C GLY A 277 -11.19 -9.09 21.79
N GLU A 278 -12.11 -10.03 21.51
CA GLU A 278 -13.53 -9.99 21.92
C GLU A 278 -13.62 -10.00 23.44
N GLU A 279 -13.00 -10.98 24.10
CA GLU A 279 -13.00 -11.10 25.57
C GLU A 279 -12.53 -9.78 26.20
N GLN A 280 -11.62 -9.05 25.55
CA GLN A 280 -11.00 -7.82 26.10
C GLN A 280 -11.80 -6.59 25.64
N GLY A 281 -12.95 -6.79 25.01
CA GLY A 281 -13.86 -5.69 24.66
C GLY A 281 -13.47 -4.96 23.38
N GLN A 282 -12.49 -5.43 22.59
CA GLN A 282 -12.28 -4.88 21.21
C GLN A 282 -13.57 -5.14 20.41
N GLU A 283 -13.85 -4.33 19.39
CA GLU A 283 -15.10 -4.45 18.59
C GLU A 283 -14.72 -4.51 17.11
N ASN A 284 -14.53 -5.72 16.59
CA ASN A 284 -13.77 -6.02 15.36
C ASN A 284 -14.63 -6.82 14.40
N PRO A 285 -14.68 -6.48 13.09
CA PRO A 285 -15.34 -7.32 12.09
C PRO A 285 -14.82 -8.76 12.16
N PRO A 286 -15.66 -9.78 11.89
CA PRO A 286 -15.29 -11.18 12.16
C PRO A 286 -14.20 -11.73 11.21
N ASP A 287 -13.84 -10.94 10.19
CA ASP A 287 -12.87 -11.31 9.13
C ASP A 287 -11.54 -10.57 9.35
N HIS A 288 -11.45 -9.66 10.33
CA HIS A 288 -10.28 -8.74 10.44
C HIS A 288 -9.04 -9.56 10.80
N ASP A 289 -7.86 -9.07 10.44
CA ASP A 289 -6.59 -9.87 10.49
C ASP A 289 -5.70 -9.42 11.64
N PRO A 290 -5.75 -10.06 12.84
CA PRO A 290 -4.91 -9.66 13.96
C PRO A 290 -3.39 -9.85 13.75
N ILE A 291 -2.98 -10.75 12.85
CA ILE A 291 -1.53 -10.92 12.52
C ILE A 291 -1.08 -9.71 11.69
N HIS A 292 -1.83 -9.35 10.63
CA HIS A 292 -1.49 -8.19 9.76
C HIS A 292 -1.44 -6.90 10.60
N ASP A 293 -2.32 -6.77 11.60
CA ASP A 293 -2.37 -5.57 12.48
C ASP A 293 -1.06 -5.36 13.26
N GLN A 294 -0.31 -6.43 13.54
CA GLN A 294 1.01 -6.38 14.20
C GLN A 294 0.84 -5.69 15.57
N SER A 295 -0.26 -5.99 16.25
CA SER A 295 -0.62 -5.31 17.52
C SER A 295 -0.51 -6.27 18.71
N TRP A 296 -0.20 -7.56 18.50
CA TRP A 296 -0.18 -8.58 19.58
C TRP A 296 1.23 -9.09 19.89
N TYR A 297 1.53 -9.34 21.18
CA TYR A 297 2.69 -10.16 21.62
C TYR A 297 2.11 -11.34 22.39
N LEU A 298 2.44 -12.58 21.99
CA LEU A 298 1.95 -13.79 22.72
C LEU A 298 2.85 -14.01 23.94
N ASP A 299 2.32 -13.71 25.11
CA ASP A 299 2.99 -13.90 26.43
C ASP A 299 2.76 -15.34 26.88
N GLN A 300 3.26 -15.72 28.04
CA GLN A 300 3.24 -17.12 28.53
C GLN A 300 1.80 -17.65 28.51
N THR A 301 0.84 -16.83 28.92
CA THR A 301 -0.60 -17.17 29.00
C THR A 301 -1.12 -17.47 27.59
N LEU A 302 -0.85 -16.60 26.63
CA LEU A 302 -1.41 -16.77 25.28
C LEU A 302 -0.71 -17.94 24.56
N ARG A 303 0.57 -18.18 24.81
CA ARG A 303 1.29 -19.33 24.18
C ARG A 303 0.70 -20.64 24.71
N LYS A 304 0.41 -20.72 26.01
CA LYS A 304 -0.16 -21.94 26.65
C LYS A 304 -1.56 -22.23 26.06
N ARG A 305 -2.36 -21.19 25.94
CA ARG A 305 -3.74 -21.27 25.42
C ARG A 305 -3.72 -21.70 23.94
N LEU A 306 -2.76 -21.22 23.16
CA LEU A 306 -2.59 -21.58 21.73
C LEU A 306 -2.34 -23.09 21.61
N TYR A 307 -1.42 -23.62 22.41
CA TYR A 307 -1.07 -25.05 22.53
C TYR A 307 -2.31 -25.87 22.96
N GLU A 308 -2.96 -25.47 24.06
CA GLU A 308 -3.97 -26.30 24.77
C GLU A 308 -5.28 -26.33 23.95
N GLU A 309 -5.72 -25.15 23.50
CA GLU A 309 -7.07 -24.94 22.90
C GLU A 309 -7.04 -25.12 21.36
N TYR A 310 -5.88 -24.95 20.70
CA TYR A 310 -5.82 -25.01 19.21
C TYR A 310 -4.82 -26.05 18.72
N GLY A 311 -4.08 -26.69 19.62
CA GLY A 311 -3.15 -27.76 19.24
C GLY A 311 -1.92 -27.25 18.48
N VAL A 312 -1.54 -25.98 18.68
CA VAL A 312 -0.44 -25.34 17.90
C VAL A 312 0.83 -25.21 18.76
N GLN A 313 1.91 -25.84 18.31
CA GLN A 313 3.24 -25.71 18.96
C GLN A 313 4.16 -24.88 18.06
N GLY A 314 4.93 -23.98 18.67
CA GLY A 314 5.93 -23.16 17.96
C GLY A 314 7.35 -23.60 18.27
N TRP A 315 8.29 -22.74 17.89
CA TRP A 315 9.72 -22.86 18.16
C TRP A 315 10.10 -21.64 19.01
N ALA A 316 10.59 -21.86 20.23
CA ALA A 316 11.20 -20.83 21.09
C ALA A 316 12.71 -20.85 20.85
N ILE A 317 13.27 -19.78 20.28
CA ILE A 317 14.68 -19.73 19.79
C ILE A 317 15.38 -18.57 20.50
N VAL A 318 16.53 -18.83 21.12
CA VAL A 318 17.37 -17.74 21.68
C VAL A 318 18.47 -17.47 20.66
N GLN A 319 18.48 -16.26 20.09
CA GLN A 319 19.43 -15.83 19.04
C GLN A 319 20.59 -15.18 19.84
N PHE A 320 21.76 -15.82 19.81
CA PHE A 320 23.02 -15.32 20.42
C PHE A 320 23.77 -14.46 19.40
N LEU A 321 24.82 -13.77 19.86
CA LEU A 321 25.74 -13.02 18.98
C LEU A 321 26.25 -13.94 17.86
N GLY A 322 26.20 -13.46 16.62
CA GLY A 322 26.59 -14.23 15.43
C GLY A 322 25.60 -15.29 14.96
N ASP A 323 24.48 -15.53 15.64
CA ASP A 323 23.43 -16.47 15.14
C ASP A 323 22.63 -15.84 13.99
N ALA A 324 22.47 -16.57 12.88
CA ALA A 324 21.57 -16.24 11.76
C ALA A 324 20.32 -17.11 11.87
N VAL A 325 19.15 -16.48 12.06
CA VAL A 325 17.82 -17.12 12.12
C VAL A 325 17.17 -17.06 10.73
N PHE A 326 16.84 -18.21 10.16
CA PHE A 326 16.15 -18.35 8.85
C PHE A 326 14.64 -18.47 9.13
N ILE A 327 13.86 -17.51 8.66
CA ILE A 327 12.39 -17.46 8.89
C ILE A 327 11.65 -17.81 7.59
N PRO A 328 10.90 -18.93 7.55
CA PRO A 328 10.14 -19.29 6.34
C PRO A 328 9.03 -18.29 5.99
N ALA A 329 8.84 -18.03 4.70
CA ALA A 329 7.70 -17.24 4.17
C ALA A 329 6.40 -17.74 4.79
N GLY A 330 5.57 -16.80 5.24
CA GLY A 330 4.23 -17.10 5.79
C GLY A 330 4.25 -17.48 7.26
N ALA A 331 5.42 -17.71 7.86
CA ALA A 331 5.55 -18.15 9.27
C ALA A 331 5.37 -16.94 10.20
N PRO A 332 4.29 -16.89 11.00
CA PRO A 332 4.11 -15.85 12.01
C PRO A 332 5.24 -15.88 13.05
N HIS A 333 5.74 -14.70 13.44
CA HIS A 333 6.87 -14.62 14.40
C HIS A 333 6.88 -13.30 15.19
N GLN A 334 7.53 -13.33 16.36
CA GLN A 334 7.66 -12.22 17.33
C GLN A 334 9.04 -12.29 17.97
N VAL A 335 9.56 -11.15 18.42
CA VAL A 335 10.95 -10.96 18.92
C VAL A 335 10.87 -10.16 20.22
N HIS A 336 11.61 -10.59 21.25
CA HIS A 336 11.73 -9.97 22.59
C HIS A 336 13.23 -9.85 22.92
N ASN A 337 13.79 -8.64 22.85
CA ASN A 337 15.24 -8.43 23.11
C ASN A 337 15.53 -8.68 24.61
N LEU A 338 16.53 -9.50 24.89
CA LEU A 338 16.99 -9.80 26.27
C LEU A 338 17.99 -8.72 26.67
N TYR A 339 18.89 -8.37 25.76
CA TYR A 339 19.88 -7.27 25.92
C TYR A 339 19.75 -6.36 24.70
N SER A 340 20.58 -5.32 24.64
CA SER A 340 20.56 -4.37 23.51
C SER A 340 21.10 -5.07 22.27
N CYS A 341 20.37 -5.04 21.15
CA CYS A 341 20.73 -5.76 19.91
C CYS A 341 20.82 -4.86 18.70
N ILE A 342 21.78 -5.19 17.83
CA ILE A 342 21.84 -4.76 16.41
C ILE A 342 21.67 -6.01 15.56
N LYS A 343 20.58 -6.07 14.78
CA LYS A 343 20.27 -7.19 13.86
C LYS A 343 20.22 -6.63 12.44
N VAL A 344 20.68 -7.40 11.46
CA VAL A 344 20.61 -7.08 10.02
C VAL A 344 19.96 -8.25 9.28
N ALA A 345 18.90 -7.97 8.52
CA ALA A 345 18.07 -8.98 7.85
C ALA A 345 18.03 -8.74 6.33
N GLU A 346 18.09 -9.82 5.57
CA GLU A 346 17.95 -9.86 4.10
C GLU A 346 16.75 -10.75 3.73
N ASP A 347 15.88 -10.25 2.86
CA ASP A 347 14.76 -11.04 2.29
C ASP A 347 15.22 -11.80 1.05
N PHE A 348 14.59 -12.94 0.75
CA PHE A 348 14.89 -13.76 -0.46
C PHE A 348 13.65 -14.61 -0.79
N VAL A 349 13.63 -15.24 -1.97
CA VAL A 349 12.44 -16.03 -2.41
C VAL A 349 12.93 -17.42 -2.84
N SER A 350 12.87 -18.38 -1.91
CA SER A 350 13.30 -19.76 -2.20
C SER A 350 12.21 -20.44 -3.03
N PRO A 351 12.56 -21.37 -3.93
CA PRO A 351 11.55 -22.07 -4.70
C PRO A 351 10.61 -22.90 -3.81
N GLU A 352 11.11 -23.43 -2.70
CA GLU A 352 10.36 -24.20 -1.67
C GLU A 352 9.11 -23.42 -1.21
N HIS A 353 9.15 -22.10 -1.14
CA HIS A 353 8.08 -21.33 -0.45
C HIS A 353 7.44 -20.27 -1.36
N VAL A 354 7.72 -20.30 -2.66
CA VAL A 354 7.26 -19.24 -3.62
C VAL A 354 5.72 -19.12 -3.62
N LYS A 355 4.99 -20.17 -3.29
CA LYS A 355 3.50 -20.13 -3.20
C LYS A 355 3.05 -18.99 -2.30
N HIS A 356 3.83 -18.62 -1.28
CA HIS A 356 3.37 -17.67 -0.24
C HIS A 356 3.29 -16.26 -0.82
N CYS A 357 3.97 -15.96 -1.93
CA CYS A 357 3.99 -14.57 -2.49
C CYS A 357 3.17 -14.46 -3.78
N PHE A 358 2.50 -15.55 -4.22
CA PHE A 358 1.70 -15.58 -5.48
C PHE A 358 0.40 -14.79 -5.28
N ARG A 359 0.00 -13.97 -6.25
CA ARG A 359 -1.16 -13.02 -6.11
C ARG A 359 -2.50 -13.65 -6.52
N LEU A 360 -2.58 -14.90 -6.96
CA LEU A 360 -3.89 -15.53 -7.30
C LEU A 360 -4.20 -16.79 -6.47
N THR A 361 -5.42 -17.32 -6.70
CA THR A 361 -6.21 -18.32 -5.90
C THR A 361 -5.97 -18.11 -4.40
N MET B 23 -39.56 23.09 -24.18
CA MET B 23 -40.13 21.72 -24.23
C MET B 23 -39.02 20.65 -24.30
N THR B 24 -37.76 21.02 -24.55
CA THR B 24 -36.58 20.12 -24.38
C THR B 24 -36.68 19.45 -23.00
N SER B 25 -36.69 18.12 -22.97
CA SER B 25 -36.77 17.33 -21.72
C SER B 25 -35.51 17.57 -20.88
N HIS B 26 -35.68 18.10 -19.67
CA HIS B 26 -34.60 18.44 -18.74
C HIS B 26 -35.11 18.48 -17.30
N SER B 27 -34.21 18.44 -16.32
CA SER B 27 -34.45 18.65 -14.86
C SER B 27 -33.18 19.26 -14.29
N TRP B 28 -33.22 19.69 -13.03
CA TRP B 28 -32.10 20.36 -12.34
C TRP B 28 -31.75 19.51 -11.11
N LEU B 29 -30.48 19.18 -10.90
CA LEU B 29 -30.02 18.42 -9.71
C LEU B 29 -29.03 19.30 -8.94
N CYS B 30 -28.34 18.73 -7.92
CA CYS B 30 -27.46 19.51 -7.02
C CYS B 30 -28.21 20.77 -6.59
N ASP B 31 -29.46 20.58 -6.13
CA ASP B 31 -30.29 21.62 -5.48
C ASP B 31 -30.47 22.78 -6.49
N GLY B 32 -30.87 22.45 -7.73
CA GLY B 32 -31.12 23.40 -8.84
C GLY B 32 -29.89 23.90 -9.59
N ARG B 33 -28.66 23.50 -9.25
CA ARG B 33 -27.41 24.06 -9.85
C ARG B 33 -26.82 23.18 -10.99
N LEU B 34 -27.44 22.03 -11.33
CA LEU B 34 -26.88 21.10 -12.35
C LEU B 34 -27.94 20.81 -13.41
N LEU B 35 -27.74 21.32 -14.64
CA LEU B 35 -28.63 20.97 -15.76
C LEU B 35 -28.46 19.47 -16.05
N CYS B 36 -29.56 18.75 -16.19
CA CYS B 36 -29.63 17.36 -16.64
C CYS B 36 -30.54 17.28 -17.88
N LEU B 37 -29.99 17.09 -19.08
CA LEU B 37 -30.75 16.89 -20.36
C LEU B 37 -31.05 15.40 -20.53
N HIS B 38 -32.27 15.04 -20.92
CA HIS B 38 -32.76 13.62 -20.84
C HIS B 38 -32.92 12.98 -22.22
N ASP B 39 -32.89 13.74 -23.31
CA ASP B 39 -32.90 13.14 -24.67
C ASP B 39 -31.58 13.43 -25.36
N PRO B 40 -30.67 12.43 -25.45
CA PRO B 40 -29.31 12.66 -25.97
C PRO B 40 -29.29 13.09 -27.45
N SER B 41 -30.34 12.83 -28.22
CA SER B 41 -30.42 13.16 -29.67
C SER B 41 -31.32 14.38 -29.98
N ASN B 42 -31.83 15.13 -28.99
CA ASN B 42 -32.70 16.32 -29.25
C ASN B 42 -31.83 17.45 -29.82
N LYS B 43 -32.16 17.94 -31.03
CA LYS B 43 -31.40 18.98 -31.77
C LYS B 43 -31.45 20.34 -31.05
N ASN B 44 -32.30 20.52 -30.05
CA ASN B 44 -32.44 21.79 -29.28
C ASN B 44 -31.66 21.76 -27.95
N ASN B 45 -30.90 20.71 -27.65
CA ASN B 45 -30.15 20.55 -26.37
C ASN B 45 -29.26 21.78 -26.12
N TRP B 46 -28.65 22.32 -27.17
CA TRP B 46 -27.67 23.43 -27.08
C TRP B 46 -28.29 24.67 -26.39
N LYS B 47 -29.61 24.89 -26.50
CA LYS B 47 -30.26 26.17 -26.08
C LYS B 47 -30.06 26.45 -24.58
N ILE B 48 -30.39 25.48 -23.71
CA ILE B 48 -30.25 25.64 -22.22
C ILE B 48 -28.79 25.35 -21.81
N PHE B 49 -28.11 24.44 -22.51
CA PHE B 49 -26.69 24.10 -22.30
C PHE B 49 -25.81 25.37 -22.32
N ARG B 50 -26.03 26.25 -23.32
CA ARG B 50 -25.14 27.41 -23.62
C ARG B 50 -24.92 28.27 -22.35
N GLU B 51 -25.99 28.69 -21.67
CA GLU B 51 -25.80 29.60 -20.52
C GLU B 51 -25.16 28.87 -19.33
N CYS B 52 -25.49 27.61 -19.07
CA CYS B 52 -24.81 26.87 -17.98
C CYS B 52 -23.30 26.80 -18.25
N TRP B 53 -22.93 26.48 -19.48
CA TRP B 53 -21.53 26.29 -19.94
C TRP B 53 -20.78 27.63 -19.90
N LYS B 54 -21.45 28.74 -20.27
CA LYS B 54 -20.79 30.07 -20.26
C LYS B 54 -20.50 30.48 -18.80
N GLN B 55 -21.32 30.07 -17.85
CA GLN B 55 -21.09 30.32 -16.40
C GLN B 55 -20.10 29.33 -15.79
N GLY B 56 -19.53 28.40 -16.56
CA GLY B 56 -18.44 27.53 -16.11
C GLY B 56 -18.95 26.33 -15.32
N GLN B 57 -20.18 25.93 -15.53
CA GLN B 57 -20.81 24.79 -14.83
C GLN B 57 -20.63 23.51 -15.66
N PRO B 58 -20.49 22.35 -14.98
CA PRO B 58 -20.67 21.06 -15.64
C PRO B 58 -22.15 20.88 -16.00
N VAL B 59 -22.43 19.98 -16.94
CA VAL B 59 -23.77 19.61 -17.44
C VAL B 59 -23.81 18.09 -17.55
N LEU B 60 -24.96 17.46 -17.28
CA LEU B 60 -25.15 15.99 -17.48
C LEU B 60 -26.19 15.74 -18.58
N VAL B 61 -25.96 14.73 -19.42
CA VAL B 61 -26.90 14.24 -20.46
C VAL B 61 -27.09 12.74 -20.21
N SER B 62 -28.32 12.30 -19.96
CA SER B 62 -28.64 10.89 -19.62
C SER B 62 -29.10 10.12 -20.87
N GLY B 63 -29.08 8.79 -20.82
CA GLY B 63 -29.70 7.94 -21.86
C GLY B 63 -28.77 7.55 -23.01
N VAL B 64 -27.47 7.84 -22.95
CA VAL B 64 -26.56 7.58 -24.11
C VAL B 64 -26.41 6.05 -24.32
N HIS B 65 -26.56 5.25 -23.28
CA HIS B 65 -26.46 3.76 -23.34
C HIS B 65 -27.51 3.20 -24.29
N LYS B 66 -28.71 3.80 -24.30
CA LYS B 66 -29.81 3.35 -25.17
C LYS B 66 -29.47 3.55 -26.65
N LYS B 67 -28.50 4.39 -26.99
CA LYS B 67 -28.08 4.65 -28.40
C LYS B 67 -26.96 3.71 -28.85
N LEU B 68 -26.26 3.07 -27.93
CA LEU B 68 -25.05 2.26 -28.24
C LEU B 68 -25.46 0.81 -28.58
N LYS B 69 -24.57 0.05 -29.22
CA LYS B 69 -24.63 -1.44 -29.30
C LYS B 69 -24.07 -2.06 -28.03
N SER B 70 -24.93 -2.49 -27.13
CA SER B 70 -24.58 -2.88 -25.74
C SER B 70 -23.60 -4.07 -25.71
N GLU B 71 -23.66 -4.97 -26.69
CA GLU B 71 -22.79 -6.18 -26.77
C GLU B 71 -21.34 -5.77 -27.04
N LEU B 72 -21.09 -4.57 -27.58
CA LEU B 72 -19.71 -4.06 -27.83
C LEU B 72 -19.04 -3.61 -26.52
N TRP B 73 -19.80 -3.28 -25.47
CA TRP B 73 -19.28 -2.59 -24.27
C TRP B 73 -19.29 -3.51 -23.04
N LYS B 74 -19.13 -4.82 -23.20
CA LYS B 74 -19.18 -5.79 -22.07
C LYS B 74 -17.78 -6.25 -21.69
N PRO B 75 -17.46 -6.42 -20.39
CA PRO B 75 -16.15 -6.92 -19.98
C PRO B 75 -15.74 -8.25 -20.62
N GLU B 76 -16.69 -9.20 -20.75
CA GLU B 76 -16.45 -10.53 -21.39
C GLU B 76 -15.96 -10.32 -22.84
N ALA B 77 -16.50 -9.35 -23.58
CA ALA B 77 -16.08 -9.09 -25.00
C ALA B 77 -14.64 -8.57 -25.09
N PHE B 78 -14.26 -7.62 -24.23
CA PHE B 78 -12.88 -7.07 -24.18
C PHE B 78 -11.89 -8.18 -23.82
N SER B 79 -12.25 -9.06 -22.90
CA SER B 79 -11.43 -10.22 -22.49
C SER B 79 -11.24 -11.21 -23.64
N GLN B 80 -12.31 -11.60 -24.35
CA GLN B 80 -12.21 -12.65 -25.41
C GLN B 80 -11.44 -12.07 -26.59
N GLU B 81 -11.60 -10.78 -26.87
CA GLU B 81 -10.99 -10.16 -28.07
C GLU B 81 -9.55 -9.75 -27.83
N PHE B 82 -9.19 -9.28 -26.62
CA PHE B 82 -7.89 -8.60 -26.41
C PHE B 82 -7.13 -9.18 -25.22
N GLY B 83 -7.57 -10.30 -24.67
CA GLY B 83 -7.16 -10.77 -23.33
C GLY B 83 -5.69 -11.17 -23.23
N ASP B 84 -4.99 -11.42 -24.36
CA ASP B 84 -3.59 -11.91 -24.31
C ASP B 84 -2.61 -10.76 -24.52
N GLN B 85 -3.07 -9.51 -24.59
CA GLN B 85 -2.16 -8.35 -24.60
C GLN B 85 -1.55 -8.17 -23.20
N ASP B 86 -0.36 -7.63 -23.15
CA ASP B 86 0.36 -7.29 -21.90
C ASP B 86 0.03 -5.85 -21.54
N VAL B 87 -0.06 -5.57 -20.24
CA VAL B 87 -0.59 -4.27 -19.74
C VAL B 87 -0.07 -3.99 -18.32
N ASP B 88 -0.05 -2.72 -17.92
CA ASP B 88 0.21 -2.29 -16.52
C ASP B 88 -1.13 -1.99 -15.87
N LEU B 89 -1.25 -2.33 -14.58
CA LEU B 89 -2.35 -1.97 -13.69
C LEU B 89 -1.83 -1.03 -12.60
N VAL B 90 -2.75 -0.29 -11.95
CA VAL B 90 -2.48 0.55 -10.75
C VAL B 90 -3.36 0.05 -9.61
N ASN B 91 -2.74 -0.18 -8.44
CA ASN B 91 -3.45 -0.42 -7.16
C ASN B 91 -3.98 0.92 -6.63
N CYS B 92 -5.31 1.13 -6.63
CA CYS B 92 -5.96 2.42 -6.28
C CYS B 92 -5.69 2.81 -4.81
N ARG B 93 -5.46 1.82 -3.93
CA ARG B 93 -5.26 2.05 -2.46
C ARG B 93 -3.87 2.65 -2.16
N ASN B 94 -2.81 2.33 -2.93
CA ASN B 94 -1.42 2.74 -2.62
C ASN B 94 -0.69 3.34 -3.84
N CYS B 95 -1.32 3.44 -5.02
CA CYS B 95 -0.73 3.99 -6.30
C CYS B 95 0.41 3.11 -6.86
N ALA B 96 0.63 1.89 -6.34
CA ALA B 96 1.66 0.98 -6.87
C ALA B 96 1.30 0.51 -8.29
N ILE B 97 2.29 0.39 -9.18
CA ILE B 97 2.14 -0.19 -10.54
C ILE B 97 2.37 -1.70 -10.49
N ILE B 98 1.40 -2.50 -10.94
CA ILE B 98 1.58 -3.95 -11.22
C ILE B 98 1.89 -4.08 -12.72
N SER B 99 3.17 -4.31 -13.07
CA SER B 99 3.64 -4.14 -14.46
C SER B 99 3.63 -5.47 -15.23
N ASP B 100 3.20 -5.40 -16.47
CA ASP B 100 3.37 -6.48 -17.46
C ASP B 100 2.59 -7.72 -17.02
N VAL B 101 1.29 -7.58 -16.80
CA VAL B 101 0.33 -8.72 -16.65
C VAL B 101 -0.60 -8.78 -17.88
N LYS B 102 -1.45 -9.80 -17.95
CA LYS B 102 -2.38 -10.03 -19.08
C LYS B 102 -3.67 -9.24 -18.86
N VAL B 103 -4.15 -8.58 -19.90
CA VAL B 103 -5.43 -7.80 -19.93
C VAL B 103 -6.55 -8.70 -19.37
N ARG B 104 -6.58 -9.99 -19.72
CA ARG B 104 -7.67 -10.90 -19.28
C ARG B 104 -7.70 -11.03 -17.74
N ASP B 105 -6.57 -10.85 -17.07
CA ASP B 105 -6.50 -10.97 -15.59
C ASP B 105 -7.05 -9.69 -14.93
N PHE B 106 -7.17 -8.55 -15.64
CA PHE B 106 -7.99 -7.40 -15.18
C PHE B 106 -9.48 -7.72 -15.41
N TRP B 107 -9.87 -8.05 -16.65
CA TRP B 107 -11.31 -8.17 -17.04
C TRP B 107 -11.98 -9.34 -16.32
N ASP B 108 -11.27 -10.44 -16.02
CA ASP B 108 -11.95 -11.64 -15.47
C ASP B 108 -12.32 -11.41 -13.99
N GLY B 109 -11.67 -10.46 -13.30
CA GLY B 109 -12.06 -10.02 -11.94
C GLY B 109 -12.99 -8.80 -11.89
N PHE B 110 -13.45 -8.29 -13.04
CA PHE B 110 -14.20 -7.00 -13.09
C PHE B 110 -15.43 -7.07 -12.18
N GLU B 111 -16.14 -8.19 -12.22
CA GLU B 111 -17.34 -8.40 -11.38
C GLU B 111 -17.26 -9.64 -10.50
N ILE B 112 -16.20 -10.46 -10.56
CA ILE B 112 -15.99 -11.62 -9.63
C ILE B 112 -14.77 -11.33 -8.73
N ILE B 113 -15.01 -11.00 -7.47
CA ILE B 113 -13.98 -10.50 -6.52
C ILE B 113 -12.93 -11.59 -6.23
N CYS B 114 -13.32 -12.87 -6.26
CA CYS B 114 -12.42 -13.99 -5.87
C CYS B 114 -11.41 -14.23 -7.01
N LYS B 115 -11.67 -13.71 -8.22
CA LYS B 115 -10.75 -13.85 -9.39
C LYS B 115 -9.71 -12.73 -9.43
N ARG B 116 -9.75 -11.78 -8.49
CA ARG B 116 -8.87 -10.60 -8.55
C ARG B 116 -7.46 -10.93 -8.05
N LEU B 117 -6.45 -10.29 -8.63
CA LEU B 117 -5.07 -10.24 -8.09
C LEU B 117 -5.12 -9.68 -6.66
N ARG B 118 -4.32 -10.25 -5.76
CA ARG B 118 -4.31 -9.89 -4.32
C ARG B 118 -3.04 -9.10 -3.98
N SER B 119 -3.12 -8.27 -2.93
CA SER B 119 -1.98 -7.54 -2.34
C SER B 119 -1.27 -8.41 -1.29
N GLU B 120 -0.13 -7.96 -0.82
CA GLU B 120 0.75 -8.57 0.24
C GLU B 120 -0.11 -9.11 1.39
N ASP B 121 -1.16 -8.37 1.74
CA ASP B 121 -2.03 -8.63 2.91
C ASP B 121 -3.03 -9.74 2.60
N GLY B 122 -3.00 -10.35 1.41
CA GLY B 122 -3.97 -11.40 1.03
C GLY B 122 -5.32 -10.86 0.53
N GLN B 123 -5.53 -9.55 0.50
CA GLN B 123 -6.85 -8.97 0.09
C GLN B 123 -6.92 -8.81 -1.44
N PRO B 124 -8.10 -8.99 -2.03
CA PRO B 124 -8.33 -8.64 -3.43
C PRO B 124 -8.11 -7.14 -3.66
N MET B 125 -7.38 -6.79 -4.71
CA MET B 125 -7.00 -5.39 -4.99
C MET B 125 -8.14 -4.67 -5.73
N VAL B 126 -8.20 -3.37 -5.53
CA VAL B 126 -8.99 -2.43 -6.39
C VAL B 126 -8.03 -1.88 -7.42
N LEU B 127 -8.21 -2.29 -8.67
CA LEU B 127 -7.23 -2.03 -9.74
C LEU B 127 -7.85 -1.13 -10.80
N LYS B 128 -7.01 -0.33 -11.45
CA LYS B 128 -7.38 0.38 -12.69
C LYS B 128 -6.42 -0.01 -13.79
N LEU B 129 -6.95 -0.20 -14.98
CA LEU B 129 -6.15 -0.53 -16.17
C LEU B 129 -5.51 0.78 -16.60
N LYS B 130 -4.18 0.80 -16.70
CA LYS B 130 -3.44 2.03 -17.09
C LYS B 130 -3.24 2.07 -18.62
N ASP B 131 -3.59 3.21 -19.22
CA ASP B 131 -3.22 3.60 -20.61
C ASP B 131 -3.58 2.46 -21.58
N TRP B 132 -4.86 2.12 -21.66
CA TRP B 132 -5.35 1.02 -22.53
C TRP B 132 -6.69 1.40 -23.15
N PRO B 133 -6.85 1.26 -24.49
CA PRO B 133 -5.74 1.04 -25.41
C PRO B 133 -4.67 2.13 -25.29
N PRO B 134 -3.37 1.83 -25.55
CA PRO B 134 -2.28 2.77 -25.30
C PRO B 134 -2.26 3.97 -26.26
N GLY B 135 -1.76 5.10 -25.77
CA GLY B 135 -1.62 6.35 -26.54
C GLY B 135 -2.89 6.68 -27.30
N GLU B 136 -2.81 6.71 -28.64
CA GLU B 136 -3.91 7.09 -29.56
C GLU B 136 -4.35 5.86 -30.36
N ASP B 137 -4.16 4.66 -29.81
CA ASP B 137 -4.43 3.37 -30.51
C ASP B 137 -5.94 3.08 -30.56
N PHE B 138 -6.79 3.80 -29.82
CA PHE B 138 -8.22 3.46 -29.64
C PHE B 138 -8.87 3.23 -31.01
N ARG B 139 -8.70 4.15 -31.95
CA ARG B 139 -9.38 4.07 -33.29
C ARG B 139 -8.86 2.84 -34.07
N ASP B 140 -7.55 2.59 -34.04
CA ASP B 140 -6.92 1.49 -34.79
C ASP B 140 -7.23 0.16 -34.11
N MET B 141 -7.15 0.09 -32.78
CA MET B 141 -7.35 -1.21 -32.10
C MET B 141 -8.83 -1.57 -32.12
N MET B 142 -9.73 -0.59 -32.02
CA MET B 142 -11.17 -0.85 -31.76
C MET B 142 -12.03 -0.03 -32.73
N PRO B 143 -11.92 -0.23 -34.06
CA PRO B 143 -12.59 0.65 -35.02
C PRO B 143 -14.13 0.65 -34.93
N THR B 144 -14.79 -0.47 -34.58
CA THR B 144 -16.27 -0.52 -34.48
C THR B 144 -16.74 0.17 -33.19
N ARG B 145 -16.01 0.03 -32.08
CA ARG B 145 -16.27 0.80 -30.82
C ARG B 145 -16.09 2.31 -31.09
N PHE B 146 -15.04 2.72 -31.78
CA PHE B 146 -14.80 4.15 -32.11
C PHE B 146 -16.03 4.69 -32.85
N GLU B 147 -16.53 3.97 -33.86
CA GLU B 147 -17.67 4.42 -34.71
C GLU B 147 -18.94 4.52 -33.85
N ASP B 148 -19.24 3.48 -33.07
CA ASP B 148 -20.43 3.39 -32.18
C ASP B 148 -20.46 4.58 -31.20
N LEU B 149 -19.35 4.92 -30.54
CA LEU B 149 -19.31 6.06 -29.58
C LEU B 149 -19.44 7.41 -30.31
N MET B 150 -18.59 7.69 -31.29
CA MET B 150 -18.51 9.02 -31.94
C MET B 150 -19.83 9.37 -32.63
N GLU B 151 -20.51 8.39 -33.25
CA GLU B 151 -21.80 8.60 -33.93
C GLU B 151 -22.88 8.94 -32.89
N ASN B 152 -22.71 8.60 -31.61
CA ASN B 152 -23.80 8.79 -30.61
C ASN B 152 -23.40 9.78 -29.49
N LEU B 153 -22.32 10.53 -29.66
CA LEU B 153 -21.92 11.57 -28.66
C LEU B 153 -23.01 12.65 -28.61
N PRO B 154 -23.47 13.05 -27.42
CA PRO B 154 -24.40 14.17 -27.31
C PRO B 154 -23.70 15.52 -27.53
N LEU B 155 -24.50 16.58 -27.73
CA LEU B 155 -24.06 17.93 -28.20
C LEU B 155 -23.03 17.80 -29.31
N PRO B 156 -23.38 17.12 -30.42
CA PRO B 156 -22.41 16.81 -31.46
C PRO B 156 -21.76 18.02 -32.15
N GLU B 157 -22.41 19.19 -32.19
CA GLU B 157 -21.84 20.44 -32.79
C GLU B 157 -20.64 20.88 -31.95
N TYR B 158 -20.61 20.52 -30.65
CA TYR B 158 -19.51 20.81 -29.70
C TYR B 158 -18.49 19.65 -29.65
N THR B 159 -18.95 18.40 -29.72
CA THR B 159 -18.11 17.23 -29.31
C THR B 159 -17.47 16.47 -30.49
N LYS B 160 -18.06 16.47 -31.69
CA LYS B 160 -17.47 15.76 -32.88
C LYS B 160 -16.37 16.62 -33.52
N ARG B 161 -15.38 15.97 -34.18
N ARG B 161 -15.40 15.96 -34.19
CA ARG B 161 -14.22 16.65 -34.83
CA ARG B 161 -14.22 16.59 -34.85
C ARG B 161 -14.71 17.71 -35.82
C ARG B 161 -14.67 17.67 -35.85
N ASP B 162 -15.73 17.41 -36.63
CA ASP B 162 -16.26 18.37 -37.63
C ASP B 162 -17.50 19.11 -37.10
N GLY B 163 -17.73 19.13 -35.80
CA GLY B 163 -18.76 19.97 -35.15
C GLY B 163 -18.60 21.45 -35.52
N ARG B 164 -19.72 22.12 -35.81
CA ARG B 164 -19.78 23.58 -36.17
C ARG B 164 -19.04 24.39 -35.10
N LEU B 165 -19.12 23.99 -33.82
CA LEU B 165 -18.61 24.80 -32.69
C LEU B 165 -17.47 24.10 -31.96
N ASN B 166 -16.93 23.00 -32.47
CA ASN B 166 -15.66 22.43 -31.97
C ASN B 166 -14.52 23.13 -32.72
N LEU B 167 -13.64 23.83 -32.00
CA LEU B 167 -12.48 24.58 -32.58
C LEU B 167 -11.19 23.74 -32.58
N ALA B 168 -11.21 22.52 -32.04
CA ALA B 168 -9.95 21.74 -31.80
C ALA B 168 -9.19 21.53 -33.12
N SER B 169 -9.88 21.20 -34.22
CA SER B 169 -9.21 20.89 -35.51
C SER B 169 -8.72 22.16 -36.22
N ARG B 170 -9.21 23.35 -35.89
CA ARG B 170 -8.86 24.62 -36.58
C ARG B 170 -7.77 25.40 -35.85
N LEU B 171 -7.61 25.25 -34.53
CA LEU B 171 -6.69 26.11 -33.74
C LEU B 171 -5.25 25.58 -33.74
N PRO B 172 -4.25 26.50 -33.71
CA PRO B 172 -2.84 26.14 -33.53
C PRO B 172 -2.53 25.52 -32.15
N SER B 173 -1.34 24.93 -32.04
CA SER B 173 -0.95 24.10 -30.86
C SER B 173 -0.83 24.93 -29.57
N TYR B 174 -0.81 26.27 -29.65
CA TYR B 174 -0.78 27.10 -28.42
C TYR B 174 -2.20 27.19 -27.79
N PHE B 175 -3.25 26.59 -28.38
CA PHE B 175 -4.60 26.47 -27.76
C PHE B 175 -4.89 25.00 -27.40
N VAL B 176 -4.33 24.02 -28.10
CA VAL B 176 -4.85 22.63 -28.06
C VAL B 176 -3.87 21.65 -28.73
N ARG B 177 -3.73 20.46 -28.14
CA ARG B 177 -2.88 19.36 -28.66
C ARG B 177 -3.51 18.91 -29.99
N PRO B 178 -2.71 18.53 -31.01
CA PRO B 178 -3.29 18.06 -32.28
C PRO B 178 -3.95 16.67 -32.21
N ASP B 179 -4.79 16.38 -33.22
CA ASP B 179 -5.40 15.04 -33.48
C ASP B 179 -5.88 14.41 -32.16
N LEU B 180 -6.97 14.97 -31.59
CA LEU B 180 -7.64 14.43 -30.37
C LEU B 180 -8.41 13.18 -30.80
N GLY B 181 -8.37 12.13 -29.97
CA GLY B 181 -9.20 10.92 -30.10
C GLY B 181 -9.65 10.46 -28.73
N PRO B 182 -10.64 9.56 -28.64
CA PRO B 182 -11.17 9.13 -27.35
C PRO B 182 -10.20 8.25 -26.52
N LYS B 183 -10.47 8.20 -25.21
CA LYS B 183 -9.66 7.48 -24.20
C LYS B 183 -10.61 6.67 -23.32
N MET B 184 -10.24 5.46 -23.02
CA MET B 184 -11.08 4.51 -22.25
C MET B 184 -10.55 4.50 -20.81
N TYR B 185 -11.40 4.62 -19.79
CA TYR B 185 -11.04 4.53 -18.35
C TYR B 185 -11.74 3.34 -17.68
N ASN B 186 -10.94 2.35 -17.28
CA ASN B 186 -11.43 1.04 -16.81
C ASN B 186 -10.92 0.81 -15.38
N ALA B 187 -11.78 0.68 -14.38
CA ALA B 187 -11.31 0.43 -12.99
C ALA B 187 -12.40 -0.22 -12.16
N TYR B 188 -11.98 -0.98 -11.13
CA TYR B 188 -12.86 -1.67 -10.16
C TYR B 188 -13.50 -0.59 -9.27
N GLY B 189 -14.60 -0.98 -8.62
CA GLY B 189 -15.27 -0.20 -7.56
C GLY B 189 -14.49 -0.24 -6.26
N LEU B 190 -14.44 0.88 -5.56
CA LEU B 190 -13.93 0.95 -4.19
C LEU B 190 -14.98 0.32 -3.24
N ILE B 191 -14.55 -0.35 -2.16
CA ILE B 191 -15.39 -1.37 -1.42
C ILE B 191 -15.57 -1.02 0.06
N THR B 192 -14.48 -0.76 0.79
CA THR B 192 -14.43 -0.71 2.28
C THR B 192 -14.70 0.70 2.81
N ALA B 193 -14.81 0.83 4.14
CA ALA B 193 -14.94 2.12 4.86
C ALA B 193 -13.66 2.94 4.71
N GLU B 194 -12.49 2.28 4.69
CA GLU B 194 -11.19 2.99 4.52
C GLU B 194 -11.08 3.48 3.06
N ASP B 195 -11.67 2.76 2.11
CA ASP B 195 -11.70 3.12 0.66
C ASP B 195 -12.48 4.45 0.46
N ARG B 196 -13.37 4.82 1.36
CA ARG B 196 -14.19 6.05 1.24
C ARG B 196 -13.30 7.28 1.05
N ARG B 197 -12.09 7.30 1.58
CA ARG B 197 -11.17 8.46 1.49
C ARG B 197 -10.25 8.33 0.26
N VAL B 198 -10.49 7.34 -0.62
CA VAL B 198 -9.60 7.02 -1.78
C VAL B 198 -10.31 7.46 -3.07
N GLY B 199 -9.54 7.97 -4.03
CA GLY B 199 -9.99 8.24 -5.41
C GLY B 199 -9.64 7.10 -6.38
N THR B 200 -10.51 6.84 -7.36
CA THR B 200 -10.16 6.16 -8.62
C THR B 200 -9.22 7.06 -9.45
N THR B 201 -9.60 8.34 -9.61
CA THR B 201 -8.78 9.40 -10.25
C THR B 201 -8.66 10.53 -9.24
N ASN B 202 -7.43 10.94 -8.90
CA ASN B 202 -7.20 12.00 -7.88
C ASN B 202 -7.56 13.37 -8.47
N LEU B 203 -7.74 14.36 -7.60
CA LEU B 203 -8.03 15.77 -7.95
C LEU B 203 -7.01 16.26 -9.00
N HIS B 204 -7.50 16.69 -10.17
CA HIS B 204 -6.66 17.28 -11.24
C HIS B 204 -7.51 18.25 -12.08
N LEU B 205 -6.89 18.93 -13.05
CA LEU B 205 -7.62 19.65 -14.14
C LEU B 205 -7.08 19.21 -15.51
N ASP B 206 -7.86 19.46 -16.57
CA ASP B 206 -7.49 19.20 -18.00
C ASP B 206 -7.45 20.56 -18.71
N VAL B 207 -6.58 20.69 -19.73
CA VAL B 207 -6.30 21.98 -20.44
C VAL B 207 -7.37 22.21 -21.53
N SER B 208 -8.19 21.20 -21.83
CA SER B 208 -9.27 21.32 -22.85
C SER B 208 -10.61 20.99 -22.17
N ASP B 209 -11.72 21.34 -22.82
CA ASP B 209 -13.07 20.80 -22.47
C ASP B 209 -13.08 19.27 -22.68
N ALA B 210 -13.95 18.54 -21.99
CA ALA B 210 -14.13 17.09 -22.16
C ALA B 210 -15.58 16.67 -21.91
N VAL B 211 -15.99 15.59 -22.57
CA VAL B 211 -17.21 14.82 -22.24
C VAL B 211 -16.81 13.39 -21.85
N ASN B 212 -17.37 12.86 -20.77
CA ASN B 212 -17.06 11.50 -20.22
C ASN B 212 -18.36 10.69 -20.17
N VAL B 213 -18.43 9.56 -20.91
CA VAL B 213 -19.65 8.71 -21.02
C VAL B 213 -19.48 7.38 -20.25
N MET B 214 -20.39 7.09 -19.34
CA MET B 214 -20.42 5.79 -18.60
C MET B 214 -21.02 4.75 -19.56
N VAL B 215 -20.24 3.82 -20.11
CA VAL B 215 -20.81 2.85 -21.10
C VAL B 215 -21.10 1.48 -20.46
N TYR B 216 -20.60 1.16 -19.28
CA TYR B 216 -20.94 -0.12 -18.61
C TYR B 216 -20.70 0.04 -17.11
N VAL B 217 -21.59 -0.53 -16.30
CA VAL B 217 -21.42 -0.60 -14.83
C VAL B 217 -21.58 -2.07 -14.39
N GLY B 218 -20.54 -2.62 -13.74
CA GLY B 218 -20.49 -4.01 -13.26
C GLY B 218 -20.72 -4.08 -11.76
N ILE B 219 -21.78 -4.75 -11.35
CA ILE B 219 -22.14 -4.95 -9.93
C ILE B 219 -21.84 -6.41 -9.55
N PRO B 220 -20.79 -6.70 -8.73
CA PRO B 220 -20.58 -8.05 -8.19
C PRO B 220 -21.72 -8.53 -7.26
N ILE B 221 -21.80 -9.84 -6.95
CA ILE B 221 -22.73 -10.38 -5.89
C ILE B 221 -21.95 -11.21 -4.86
N ALA B 225 -24.38 -8.30 -2.50
CA ALA B 225 -25.01 -6.97 -2.55
C ALA B 225 -24.64 -6.16 -1.31
N HIS B 226 -23.44 -5.56 -1.27
CA HIS B 226 -22.97 -4.63 -0.21
C HIS B 226 -23.33 -3.21 -0.63
N ASP B 227 -24.61 -2.98 -0.92
CA ASP B 227 -25.22 -1.63 -1.15
C ASP B 227 -25.05 -0.76 0.10
N GLU B 228 -24.60 -1.35 1.21
CA GLU B 228 -24.49 -0.69 2.54
C GLU B 228 -23.50 0.49 2.45
N GLU B 229 -22.22 0.18 2.20
CA GLU B 229 -21.10 1.16 2.17
C GLU B 229 -21.29 2.15 1.01
N VAL B 230 -21.94 1.70 -0.07
CA VAL B 230 -22.25 2.54 -1.28
C VAL B 230 -23.15 3.70 -0.87
N LEU B 231 -24.31 3.43 -0.26
CA LEU B 231 -25.28 4.51 0.15
C LEU B 231 -24.63 5.43 1.21
N LYS B 232 -23.75 4.89 2.06
CA LYS B 232 -23.04 5.73 3.05
C LYS B 232 -22.03 6.63 2.32
N THR B 233 -21.36 6.14 1.26
CA THR B 233 -20.34 6.92 0.50
C THR B 233 -21.07 8.03 -0.28
N ILE B 234 -22.24 7.70 -0.83
CA ILE B 234 -23.13 8.64 -1.57
C ILE B 234 -23.52 9.78 -0.62
N ASP B 235 -23.89 9.46 0.62
CA ASP B 235 -24.44 10.42 1.61
C ASP B 235 -23.33 11.34 2.16
N GLU B 236 -22.27 10.74 2.69
CA GLU B 236 -21.03 11.42 3.14
C GLU B 236 -20.45 12.25 1.98
N GLY B 237 -20.67 11.78 0.74
CA GLY B 237 -20.25 12.44 -0.52
C GLY B 237 -21.01 13.72 -0.82
N ASP B 238 -22.18 13.93 -0.20
CA ASP B 238 -22.96 15.19 -0.22
C ASP B 238 -23.88 15.18 -1.45
N ALA B 239 -24.20 14.01 -2.00
CA ALA B 239 -25.22 13.86 -3.07
C ALA B 239 -26.58 14.44 -2.60
N ASP B 240 -27.37 14.97 -3.52
CA ASP B 240 -28.66 15.67 -3.24
C ASP B 240 -29.72 14.61 -2.95
N GLU B 241 -30.86 15.01 -2.39
CA GLU B 241 -31.87 14.05 -1.86
C GLU B 241 -32.52 13.30 -3.01
N VAL B 242 -32.68 13.93 -4.18
CA VAL B 242 -33.31 13.26 -5.36
C VAL B 242 -32.40 12.11 -5.80
N THR B 243 -31.10 12.37 -5.90
CA THR B 243 -30.07 11.37 -6.27
C THR B 243 -30.15 10.19 -5.29
N LYS B 244 -30.08 10.47 -3.98
CA LYS B 244 -30.07 9.44 -2.90
C LYS B 244 -31.32 8.55 -2.97
N GLU B 245 -32.50 9.18 -3.07
CA GLU B 245 -33.81 8.47 -3.06
C GLU B 245 -34.00 7.77 -4.41
N ARG B 246 -33.26 8.22 -5.44
CA ARG B 246 -33.34 7.66 -6.82
C ARG B 246 -32.59 6.33 -6.93
N ILE B 247 -31.78 5.96 -5.93
CA ILE B 247 -31.00 4.68 -5.96
C ILE B 247 -31.75 3.63 -5.13
N HIS B 248 -33.05 3.85 -4.91
CA HIS B 248 -34.04 2.81 -4.47
C HIS B 248 -35.33 2.97 -5.30
N ASP B 249 -35.79 4.23 -5.48
CA ASP B 249 -37.12 4.59 -6.03
C ASP B 249 -37.27 4.01 -7.45
N HIS B 250 -36.16 3.85 -8.18
CA HIS B 250 -36.06 3.13 -9.47
C HIS B 250 -35.13 1.93 -9.25
N LYS B 251 -34.30 1.61 -10.25
CA LYS B 251 -33.17 0.64 -10.10
C LYS B 251 -32.18 0.85 -11.25
N GLU B 252 -31.67 2.07 -11.43
CA GLU B 252 -30.56 2.38 -12.36
C GLU B 252 -29.25 2.00 -11.68
N LYS B 253 -28.21 1.73 -12.47
CA LYS B 253 -26.88 1.31 -11.97
C LYS B 253 -26.02 2.56 -11.75
N PRO B 254 -25.77 2.97 -10.49
CA PRO B 254 -24.84 4.07 -10.21
C PRO B 254 -23.37 3.59 -10.37
N GLY B 255 -22.55 4.37 -11.08
CA GLY B 255 -21.17 4.00 -11.44
C GLY B 255 -20.15 4.69 -10.57
N ALA B 256 -20.13 6.02 -10.60
CA ALA B 256 -19.05 6.79 -9.97
C ALA B 256 -19.56 8.10 -9.37
N LEU B 257 -18.88 8.52 -8.31
CA LEU B 257 -19.14 9.77 -7.58
C LEU B 257 -18.01 10.72 -7.93
N TRP B 258 -18.39 11.83 -8.56
CA TRP B 258 -17.49 12.94 -8.95
C TRP B 258 -17.63 14.08 -7.94
N HIS B 259 -16.56 14.82 -7.72
CA HIS B 259 -16.63 16.21 -7.19
C HIS B 259 -15.96 17.13 -8.22
N ILE B 260 -16.66 18.16 -8.68
CA ILE B 260 -16.15 19.10 -9.71
C ILE B 260 -16.22 20.50 -9.11
N TYR B 261 -15.17 21.30 -9.32
CA TYR B 261 -15.06 22.71 -8.86
C TYR B 261 -14.96 23.64 -10.07
N ALA B 262 -15.48 24.86 -9.93
CA ALA B 262 -15.34 25.97 -10.90
C ALA B 262 -13.85 26.26 -11.22
N ALA B 263 -13.53 26.50 -12.50
CA ALA B 263 -12.16 26.86 -12.94
C ALA B 263 -11.62 28.05 -12.12
N LYS B 264 -12.47 29.02 -11.77
CA LYS B 264 -12.07 30.25 -11.03
C LYS B 264 -11.75 29.95 -9.56
N ASP B 265 -12.09 28.77 -9.03
CA ASP B 265 -11.81 28.40 -7.62
C ASP B 265 -10.56 27.55 -7.52
N ALA B 266 -9.79 27.38 -8.60
CA ALA B 266 -8.64 26.46 -8.59
C ALA B 266 -7.59 26.97 -7.60
N GLU B 267 -7.32 28.27 -7.60
CA GLU B 267 -6.18 28.84 -6.83
C GLU B 267 -6.49 28.76 -5.33
N LYS B 268 -7.73 29.03 -4.95
CA LYS B 268 -8.19 28.85 -3.54
C LYS B 268 -7.96 27.38 -3.13
N ILE B 269 -8.22 26.41 -4.03
CA ILE B 269 -7.99 24.96 -3.77
C ILE B 269 -6.48 24.75 -3.55
N ARG B 270 -5.62 25.41 -4.33
CA ARG B 270 -4.15 25.24 -4.21
C ARG B 270 -3.69 25.76 -2.83
N GLU B 271 -4.19 26.92 -2.41
CA GLU B 271 -3.86 27.55 -1.08
C GLU B 271 -4.14 26.51 0.01
N LEU B 272 -5.35 25.93 0.03
CA LEU B 272 -5.77 24.98 1.08
C LEU B 272 -4.80 23.80 1.12
N LEU B 273 -4.47 23.19 -0.01
CA LEU B 273 -3.62 21.96 -0.08
C LEU B 273 -2.13 22.27 0.12
N ARG B 274 -1.64 23.49 -0.15
CA ARG B 274 -0.28 23.94 0.26
C ARG B 274 -0.20 23.89 1.80
N LYS B 275 -1.14 24.55 2.49
CA LYS B 275 -1.29 24.59 3.97
C LYS B 275 -1.30 23.16 4.54
N VAL B 276 -2.30 22.36 4.17
CA VAL B 276 -2.49 20.97 4.69
C VAL B 276 -1.20 20.17 4.54
N GLY B 277 -0.53 20.25 3.38
CA GLY B 277 0.71 19.52 3.10
C GLY B 277 1.85 19.96 4.02
N GLU B 278 1.84 21.25 4.41
CA GLU B 278 2.78 21.83 5.40
C GLU B 278 2.49 21.19 6.75
N GLU B 279 1.21 21.10 7.12
CA GLU B 279 0.72 20.48 8.39
C GLU B 279 1.09 18.99 8.43
N GLN B 280 1.24 18.35 7.28
CA GLN B 280 1.49 16.88 7.18
C GLN B 280 2.98 16.61 6.93
N GLY B 281 3.84 17.64 6.98
CA GLY B 281 5.30 17.47 6.97
C GLY B 281 5.95 17.88 5.67
N GLN B 282 5.32 17.59 4.53
CA GLN B 282 5.83 17.93 3.16
C GLN B 282 6.58 19.27 3.20
N GLU B 283 7.76 19.33 2.61
CA GLU B 283 8.53 20.59 2.40
C GLU B 283 8.44 20.96 0.91
N ASN B 284 7.65 22.00 0.60
CA ASN B 284 7.31 22.44 -0.78
C ASN B 284 7.56 23.93 -0.89
N PRO B 285 8.13 24.43 -2.02
CA PRO B 285 8.15 25.87 -2.31
C PRO B 285 6.75 26.48 -2.30
N PRO B 286 6.61 27.79 -2.05
CA PRO B 286 5.30 28.45 -2.01
C PRO B 286 4.62 28.51 -3.39
N ASP B 287 5.39 28.30 -4.47
CA ASP B 287 4.98 28.21 -5.89
C ASP B 287 4.22 26.90 -6.17
N HIS B 288 4.56 25.86 -5.41
CA HIS B 288 4.21 24.43 -5.67
C HIS B 288 2.72 24.28 -6.01
N ASP B 289 2.38 23.38 -6.96
CA ASP B 289 1.01 23.22 -7.48
C ASP B 289 0.48 21.83 -7.13
N PRO B 290 -0.36 21.72 -6.07
CA PRO B 290 -0.90 20.42 -5.67
C PRO B 290 -1.96 19.81 -6.62
N ILE B 291 -2.63 20.63 -7.44
CA ILE B 291 -3.58 20.16 -8.50
C ILE B 291 -2.75 19.51 -9.60
N HIS B 292 -1.70 20.19 -10.07
CA HIS B 292 -0.76 19.64 -11.09
C HIS B 292 -0.16 18.31 -10.57
N ASP B 293 0.06 18.17 -9.26
CA ASP B 293 0.69 16.96 -8.68
C ASP B 293 -0.20 15.74 -8.82
N GLN B 294 -1.54 15.92 -8.89
CA GLN B 294 -2.54 14.81 -8.98
C GLN B 294 -2.32 13.83 -7.79
N SER B 295 -1.97 14.35 -6.61
CA SER B 295 -1.60 13.52 -5.43
C SER B 295 -2.70 13.53 -4.36
N TRP B 296 -3.77 14.33 -4.49
CA TRP B 296 -4.81 14.53 -3.44
C TRP B 296 -6.18 13.94 -3.85
N TYR B 297 -6.89 13.36 -2.89
CA TYR B 297 -8.35 13.19 -2.98
C TYR B 297 -9.01 13.97 -1.84
N LEU B 298 -9.91 14.90 -2.16
CA LEU B 298 -10.67 15.66 -1.12
C LEU B 298 -11.72 14.73 -0.48
N ASP B 299 -11.47 14.30 0.75
CA ASP B 299 -12.38 13.48 1.59
C ASP B 299 -13.36 14.42 2.28
N GLN B 300 -14.26 13.89 3.12
CA GLN B 300 -15.26 14.75 3.80
C GLN B 300 -14.53 15.84 4.61
N THR B 301 -13.46 15.50 5.31
CA THR B 301 -12.70 16.48 6.15
C THR B 301 -12.26 17.64 5.25
N LEU B 302 -11.56 17.33 4.15
CA LEU B 302 -10.92 18.40 3.32
C LEU B 302 -12.00 19.22 2.61
N ARG B 303 -13.11 18.61 2.18
CA ARG B 303 -14.22 19.32 1.49
C ARG B 303 -14.89 20.31 2.45
N LYS B 304 -15.23 19.85 3.66
CA LYS B 304 -15.90 20.71 4.68
C LYS B 304 -14.99 21.92 4.95
N ARG B 305 -13.71 21.65 5.19
CA ARG B 305 -12.68 22.69 5.47
C ARG B 305 -12.56 23.65 4.27
N LEU B 306 -12.65 23.15 3.03
CA LEU B 306 -12.53 23.99 1.82
C LEU B 306 -13.71 24.97 1.79
N TYR B 307 -14.91 24.51 2.18
CA TYR B 307 -16.13 25.35 2.21
C TYR B 307 -16.00 26.43 3.29
N GLU B 308 -15.74 25.99 4.53
N GLU B 308 -15.72 26.02 4.53
CA GLU B 308 -15.63 26.83 5.75
CA GLU B 308 -15.68 26.91 5.72
C GLU B 308 -14.58 27.93 5.54
C GLU B 308 -14.58 27.96 5.56
N GLU B 309 -13.33 27.54 5.33
CA GLU B 309 -12.16 28.47 5.27
C GLU B 309 -12.15 29.34 4.01
N TYR B 310 -12.56 28.84 2.83
CA TYR B 310 -12.28 29.53 1.54
C TYR B 310 -13.57 29.90 0.79
N GLY B 311 -14.73 29.37 1.20
CA GLY B 311 -16.05 29.68 0.61
C GLY B 311 -16.38 28.82 -0.61
N VAL B 312 -15.69 27.69 -0.84
CA VAL B 312 -15.76 26.95 -2.13
C VAL B 312 -16.61 25.69 -1.93
N GLN B 313 -17.63 25.53 -2.78
CA GLN B 313 -18.71 24.53 -2.60
C GLN B 313 -18.48 23.30 -3.51
N GLY B 314 -18.39 23.48 -4.82
CA GLY B 314 -18.23 22.37 -5.79
C GLY B 314 -19.52 21.57 -6.00
N TRP B 315 -19.57 20.71 -7.02
CA TRP B 315 -20.75 19.89 -7.40
C TRP B 315 -20.45 18.42 -7.11
N ALA B 316 -21.30 17.73 -6.34
CA ALA B 316 -21.25 16.26 -6.10
C ALA B 316 -22.22 15.58 -7.08
N ILE B 317 -21.69 14.78 -7.99
CA ILE B 317 -22.44 14.19 -9.14
C ILE B 317 -22.28 12.66 -9.10
N VAL B 318 -23.39 11.93 -9.10
CA VAL B 318 -23.40 10.46 -9.33
C VAL B 318 -23.65 10.22 -10.81
N GLN B 319 -22.67 9.62 -11.50
CA GLN B 319 -22.77 9.21 -12.93
C GLN B 319 -23.29 7.77 -12.97
N PHE B 320 -24.51 7.59 -13.48
CA PHE B 320 -25.19 6.28 -13.67
C PHE B 320 -24.87 5.78 -15.07
N LEU B 321 -25.22 4.53 -15.38
CA LEU B 321 -25.03 3.94 -16.73
C LEU B 321 -25.64 4.89 -17.79
N GLY B 322 -24.87 5.23 -18.83
CA GLY B 322 -25.36 6.07 -19.95
C GLY B 322 -25.31 7.57 -19.65
N ASP B 323 -24.89 8.01 -18.44
CA ASP B 323 -24.73 9.47 -18.16
C ASP B 323 -23.43 9.98 -18.82
N ALA B 324 -23.52 11.12 -19.50
CA ALA B 324 -22.38 11.87 -20.07
C ALA B 324 -22.17 13.12 -19.23
N VAL B 325 -21.00 13.24 -18.61
CA VAL B 325 -20.63 14.42 -17.77
C VAL B 325 -19.74 15.34 -18.62
N PHE B 326 -20.16 16.61 -18.77
CA PHE B 326 -19.41 17.67 -19.49
C PHE B 326 -18.58 18.46 -18.47
N ILE B 327 -17.27 18.56 -18.67
CA ILE B 327 -16.31 19.19 -17.70
C ILE B 327 -15.61 20.37 -18.38
N PRO B 328 -15.83 21.62 -17.92
CA PRO B 328 -15.14 22.80 -18.45
C PRO B 328 -13.62 22.74 -18.32
N ALA B 329 -12.92 23.19 -19.34
CA ALA B 329 -11.44 23.31 -19.29
C ALA B 329 -11.08 24.04 -17.98
N GLY B 330 -10.11 23.51 -17.23
CA GLY B 330 -9.59 24.15 -16.01
C GLY B 330 -10.43 23.90 -14.77
N ALA B 331 -11.57 23.21 -14.87
CA ALA B 331 -12.39 22.86 -13.69
C ALA B 331 -11.74 21.69 -12.95
N PRO B 332 -11.19 21.85 -11.72
CA PRO B 332 -10.60 20.71 -11.00
C PRO B 332 -11.64 19.67 -10.66
N HIS B 333 -11.28 18.40 -10.76
CA HIS B 333 -12.25 17.32 -10.50
C HIS B 333 -11.54 16.04 -10.03
N GLN B 334 -12.32 15.18 -9.38
CA GLN B 334 -11.88 13.86 -8.84
C GLN B 334 -13.02 12.87 -9.03
N VAL B 335 -12.71 11.57 -9.04
CA VAL B 335 -13.66 10.50 -9.35
C VAL B 335 -13.46 9.35 -8.34
N HIS B 336 -14.55 8.80 -7.81
CA HIS B 336 -14.54 7.65 -6.87
C HIS B 336 -15.53 6.62 -7.39
N ASN B 337 -15.05 5.52 -7.99
CA ASN B 337 -15.93 4.46 -8.55
C ASN B 337 -16.64 3.74 -7.40
N LEU B 338 -17.97 3.63 -7.47
CA LEU B 338 -18.84 2.93 -6.49
C LEU B 338 -18.93 1.45 -6.87
N TYR B 339 -19.02 1.17 -8.17
CA TYR B 339 -18.94 -0.19 -8.76
C TYR B 339 -17.85 -0.19 -9.83
N SER B 340 -17.61 -1.35 -10.47
CA SER B 340 -16.66 -1.43 -11.59
C SER B 340 -17.26 -0.66 -12.78
N CYS B 341 -16.49 0.23 -13.39
CA CYS B 341 -16.99 1.11 -14.49
C CYS B 341 -16.10 1.02 -15.73
N ILE B 342 -16.73 1.02 -16.90
CA ILE B 342 -16.11 1.35 -18.19
C ILE B 342 -16.58 2.75 -18.61
N LYS B 343 -15.67 3.72 -18.71
CA LYS B 343 -15.98 5.10 -19.18
C LYS B 343 -15.19 5.38 -20.47
N VAL B 344 -15.74 6.19 -21.39
CA VAL B 344 -14.99 6.69 -22.57
C VAL B 344 -15.12 8.22 -22.60
N ALA B 345 -14.01 8.94 -22.74
CA ALA B 345 -13.95 10.42 -22.70
C ALA B 345 -13.35 10.96 -24.01
N GLU B 346 -13.82 12.13 -24.45
CA GLU B 346 -13.38 12.81 -25.71
C GLU B 346 -13.13 14.27 -25.34
N ASP B 347 -11.96 14.81 -25.66
CA ASP B 347 -11.64 16.25 -25.46
C ASP B 347 -12.20 17.05 -26.64
N PHE B 348 -12.51 18.32 -26.41
CA PHE B 348 -12.91 19.27 -27.48
C PHE B 348 -12.58 20.72 -27.05
N VAL B 349 -12.79 21.71 -27.92
CA VAL B 349 -12.54 23.13 -27.54
C VAL B 349 -13.76 23.97 -27.95
N SER B 350 -14.53 24.44 -26.97
CA SER B 350 -15.69 25.32 -27.23
C SER B 350 -15.27 26.79 -27.38
N PRO B 351 -15.97 27.60 -28.21
CA PRO B 351 -15.72 29.03 -28.26
C PRO B 351 -15.82 29.72 -26.89
N GLU B 352 -16.73 29.23 -26.05
CA GLU B 352 -16.98 29.82 -24.71
C GLU B 352 -15.72 29.74 -23.84
N HIS B 353 -14.84 28.75 -24.03
CA HIS B 353 -13.72 28.51 -23.10
C HIS B 353 -12.37 28.68 -23.82
N VAL B 354 -12.32 29.24 -25.03
CA VAL B 354 -11.05 29.24 -25.84
C VAL B 354 -9.98 30.06 -25.09
N LYS B 355 -10.36 31.14 -24.43
CA LYS B 355 -9.37 31.98 -23.70
C LYS B 355 -8.73 31.15 -22.57
N HIS B 356 -9.51 30.37 -21.82
CA HIS B 356 -8.98 29.45 -20.76
C HIS B 356 -8.03 28.41 -21.36
N CYS B 357 -8.41 27.79 -22.48
CA CYS B 357 -7.62 26.76 -23.20
C CYS B 357 -6.21 27.34 -23.53
N PHE B 358 -6.14 28.60 -23.95
CA PHE B 358 -4.85 29.28 -24.23
C PHE B 358 -4.04 29.37 -22.93
N ARG B 359 -4.65 29.84 -21.85
CA ARG B 359 -3.91 30.13 -20.59
C ARG B 359 -3.46 28.82 -19.92
N LEU B 360 -4.32 27.80 -19.91
CA LEU B 360 -4.04 26.48 -19.28
C LEU B 360 -2.94 25.77 -20.05
N THR B 361 -2.98 25.85 -21.38
CA THR B 361 -1.95 25.28 -22.28
C THR B 361 -0.60 25.95 -21.94
N GLN B 362 -0.58 27.27 -21.80
CA GLN B 362 0.63 28.09 -21.47
C GLN B 362 1.18 27.62 -20.10
N GLU B 363 0.34 27.53 -19.07
CA GLU B 363 0.75 27.11 -17.70
C GLU B 363 1.23 25.63 -17.73
N PHE B 364 0.66 24.76 -18.56
CA PHE B 364 1.06 23.33 -18.65
C PHE B 364 2.50 23.25 -19.16
N ARG B 365 2.84 24.01 -20.21
CA ARG B 365 4.22 24.09 -20.76
C ARG B 365 5.19 24.65 -19.70
N HIS B 366 4.78 25.65 -18.92
CA HIS B 366 5.62 26.22 -17.82
C HIS B 366 5.93 25.16 -16.76
N LEU B 367 4.92 24.45 -16.27
CA LEU B 367 5.01 23.40 -15.21
C LEU B 367 5.81 22.21 -15.73
N SER B 368 5.87 22.00 -17.05
CA SER B 368 6.64 20.88 -17.67
C SER B 368 8.13 21.08 -17.44
N ASN B 369 8.69 22.20 -17.91
CA ASN B 369 10.15 22.52 -17.89
C ASN B 369 10.43 23.61 -16.85
#